data_2XZJ
#
_entry.id   2XZJ
#
_cell.length_a   75.800
_cell.length_b   58.070
_cell.length_c   94.400
_cell.angle_alpha   90.00
_cell.angle_beta   99.92
_cell.angle_gamma   90.00
#
_symmetry.space_group_name_H-M   'P 1 21 1'
#
loop_
_entity.id
_entity.type
_entity.pdbx_description
1 polymer 'EXTRACELLULAR SIALIDASE/NEURAMINIDASE, PUTATIVE'
2 non-polymer 'SODIUM ION'
3 non-polymer GLYCEROL
4 non-polymer '2,6-anhydro-3-deoxy-D-glycero-D-galacto-non-2-enonic acid'
5 water water
#
_entity_poly.entity_id   1
_entity_poly.type   'polypeptide(L)'
_entity_poly.pdbx_seq_one_letter_code
;INDPAKSAAPYHDEFPLFRSANMASPDKLSTGIGFHSFRIPAVVRTTTGRILAFAEGRRHTNQDFGDINLVYKRTKTTAN
NGASPSDWEPLREVVGSGAGTWGNPTPVVDDDNTIYLFLSWNGATYSQNGKDVLPDGTVTKKIDSTWEGRRHLYLTESRD
DGNTWSKPVDLTKELTPDGWAWDAVGPGNGIRLTTGELVIPAMGRNIIGRGAPGNRTWSVQRLSGAGAEGTIVQTPDGKL
YRNDRPSQKGYRMVARGTLEGFGAFAPDAGLPDPACQGSVLRYNSDAPARTIFLNSASGTSRRAMRVRISYDADAKKFNY
GRKLEDAKVSGAGHEGGYSSMTKTGDYKIGALVESDFFNDGTGKNSYRAIIWRRFNLSWILNGPNN
;
_entity_poly.pdbx_strand_id   A,B
#
# COMPACT_ATOMS: atom_id res chain seq x y z
N ILE A 1 8.97 -6.52 -9.42
CA ILE A 1 8.70 -6.50 -10.90
C ILE A 1 7.19 -6.53 -11.19
N ASN A 2 6.47 -7.38 -10.46
CA ASN A 2 5.01 -7.53 -10.60
C ASN A 2 4.21 -6.36 -10.01
N ASP A 3 3.12 -6.02 -10.67
CA ASP A 3 2.21 -5.01 -10.15
C ASP A 3 0.78 -5.52 -10.22
N PRO A 4 0.16 -5.72 -9.04
CA PRO A 4 -1.18 -6.29 -8.96
C PRO A 4 -2.19 -5.41 -9.70
N ALA A 5 -1.88 -4.12 -9.84
CA ALA A 5 -2.80 -3.17 -10.46
C ALA A 5 -3.02 -3.48 -11.93
N LYS A 6 -2.00 -4.01 -12.58
CA LYS A 6 -2.15 -4.36 -14.00
C LYS A 6 -3.30 -5.36 -14.28
N SER A 7 -3.64 -6.18 -13.27
CA SER A 7 -4.69 -7.19 -13.41
CA SER A 7 -4.69 -7.20 -13.39
C SER A 7 -6.09 -6.64 -13.16
N ALA A 8 -6.18 -5.42 -12.63
CA ALA A 8 -7.47 -4.77 -12.43
C ALA A 8 -8.03 -4.36 -13.81
N ALA A 9 -9.35 -4.29 -13.93
CA ALA A 9 -9.96 -3.77 -15.15
C ALA A 9 -9.46 -2.34 -15.33
N PRO A 10 -8.86 -2.04 -16.49
CA PRO A 10 -8.42 -0.68 -16.77
C PRO A 10 -9.60 0.27 -16.88
N TYR A 11 -9.41 1.49 -16.41
CA TYR A 11 -10.47 2.50 -16.42
C TYR A 11 -9.94 3.86 -16.88
N HIS A 12 -10.66 4.53 -17.78
CA HIS A 12 -10.36 5.91 -18.11
C HIS A 12 -11.63 6.66 -18.44
N ASP A 13 -11.64 7.95 -18.11
CA ASP A 13 -12.70 8.85 -18.60
C ASP A 13 -12.17 10.26 -18.58
N GLU A 14 -12.67 11.08 -19.48
CA GLU A 14 -12.09 12.39 -19.70
C GLU A 14 -13.12 13.30 -20.35
N PHE A 15 -13.08 14.56 -19.96
CA PHE A 15 -13.99 15.60 -20.47
C PHE A 15 -13.44 16.97 -20.10
N PRO A 16 -13.79 18.02 -20.89
CA PRO A 16 -13.27 19.37 -20.54
C PRO A 16 -13.88 19.80 -19.22
N LEU A 17 -13.07 20.38 -18.33
CA LEU A 17 -13.61 20.86 -17.04
C LEU A 17 -13.61 22.38 -16.96
N PHE A 18 -12.68 23.03 -17.67
CA PHE A 18 -12.69 24.49 -17.77
C PHE A 18 -12.83 24.85 -19.24
N ARG A 19 -14.03 25.28 -19.59
CA ARG A 19 -14.43 25.50 -20.97
C ARG A 19 -14.22 26.96 -21.40
N SER A 20 -13.31 27.15 -22.37
CA SER A 20 -12.92 28.50 -22.87
C SER A 20 -14.08 29.24 -23.57
N ALA A 21 -13.90 30.53 -23.85
CA ALA A 21 -14.98 31.39 -24.38
C ALA A 21 -15.57 30.94 -25.72
N ASN A 22 -14.79 30.19 -26.49
CA ASN A 22 -15.22 29.71 -27.81
C ASN A 22 -16.08 28.44 -27.76
N MET A 23 -16.14 27.78 -26.62
CA MET A 23 -16.83 26.51 -26.54
C MET A 23 -18.30 26.73 -26.20
N ALA A 24 -19.13 25.76 -26.56
CA ALA A 24 -20.52 25.76 -26.10
C ALA A 24 -20.49 25.68 -24.58
N SER A 25 -21.46 26.31 -23.94
CA SER A 25 -21.48 26.45 -22.48
C SER A 25 -20.09 26.81 -21.90
N PRO A 26 -19.55 28.01 -22.28
CA PRO A 26 -18.29 28.45 -21.67
C PRO A 26 -18.45 28.69 -20.17
N ASP A 27 -17.40 28.43 -19.40
CA ASP A 27 -17.41 28.68 -17.96
C ASP A 27 -17.29 30.16 -17.64
N LYS A 28 -18.28 30.65 -16.89
CA LYS A 28 -18.31 32.01 -16.40
C LYS A 28 -18.68 31.98 -14.91
N LEU A 29 -18.33 33.04 -14.21
CA LEU A 29 -18.66 33.16 -12.81
C LEU A 29 -20.13 33.55 -12.65
N SER A 30 -20.66 33.44 -11.44
CA SER A 30 -22.05 33.79 -11.15
C SER A 30 -22.34 35.27 -11.41
N THR A 31 -21.31 36.10 -11.33
CA THR A 31 -21.42 37.53 -11.65
C THR A 31 -21.61 37.85 -13.15
N GLY A 32 -21.39 36.85 -14.00
CA GLY A 32 -21.45 37.05 -15.45
C GLY A 32 -20.10 37.22 -16.11
N ILE A 33 -19.04 37.27 -15.29
CA ILE A 33 -17.69 37.49 -15.80
C ILE A 33 -17.19 36.23 -16.49
N GLY A 34 -16.73 36.39 -17.73
CA GLY A 34 -16.21 35.27 -18.51
C GLY A 34 -14.71 35.34 -18.78
N PHE A 35 -14.19 34.29 -19.42
CA PHE A 35 -12.75 34.15 -19.67
C PHE A 35 -12.41 33.59 -21.04
N HIS A 36 -11.47 34.27 -21.70
CA HIS A 36 -10.99 33.85 -23.00
C HIS A 36 -10.46 32.43 -22.88
N SER A 37 -9.57 32.25 -21.90
CA SER A 37 -8.78 31.04 -21.76
C SER A 37 -8.69 30.63 -20.30
N PHE A 38 -8.54 29.31 -20.10
CA PHE A 38 -8.12 28.77 -18.81
C PHE A 38 -6.76 28.10 -18.96
N ARG A 39 -5.82 28.45 -18.09
CA ARG A 39 -4.49 27.84 -18.10
C ARG A 39 -4.01 27.58 -16.67
N ILE A 40 -2.89 26.88 -16.56
CA ILE A 40 -2.20 26.73 -15.28
C ILE A 40 -3.08 26.03 -14.22
N PRO A 41 -3.36 24.71 -14.45
CA PRO A 41 -4.18 23.92 -13.53
C PRO A 41 -3.51 23.52 -12.21
N ALA A 42 -4.32 23.28 -11.20
CA ALA A 42 -3.85 22.67 -9.95
C ALA A 42 -5.03 21.93 -9.34
N VAL A 43 -4.76 20.74 -8.81
CA VAL A 43 -5.84 19.93 -8.24
C VAL A 43 -5.40 19.22 -6.96
N VAL A 44 -6.28 19.23 -5.96
CA VAL A 44 -6.06 18.46 -4.74
C VAL A 44 -7.36 17.78 -4.30
N ARG A 45 -7.21 16.62 -3.68
CA ARG A 45 -8.29 15.97 -2.92
C ARG A 45 -8.18 16.37 -1.45
N THR A 46 -9.29 16.81 -0.88
CA THR A 46 -9.29 17.21 0.53
C THR A 46 -9.48 15.99 1.45
N THR A 47 -9.38 16.19 2.77
CA THR A 47 -9.54 15.06 3.72
C THR A 47 -10.96 14.49 3.71
N THR A 48 -11.94 15.26 3.23
CA THR A 48 -13.32 14.77 3.12
C THR A 48 -13.51 13.89 1.89
N GLY A 49 -12.61 14.01 0.91
CA GLY A 49 -12.77 13.35 -0.39
C GLY A 49 -13.23 14.27 -1.52
N ARG A 50 -13.62 15.49 -1.16
CA ARG A 50 -14.00 16.49 -2.18
C ARG A 50 -12.78 16.84 -3.02
N ILE A 51 -13.00 17.08 -4.30
CA ILE A 51 -11.88 17.48 -5.15
C ILE A 51 -12.04 18.96 -5.50
N LEU A 52 -10.95 19.70 -5.40
CA LEU A 52 -10.89 21.12 -5.71
C LEU A 52 -9.98 21.31 -6.91
N ALA A 53 -10.50 21.89 -7.99
CA ALA A 53 -9.69 22.08 -9.18
C ALA A 53 -9.54 23.59 -9.42
N PHE A 54 -8.29 24.05 -9.49
CA PHE A 54 -7.98 25.47 -9.62
C PHE A 54 -7.37 25.77 -10.98
N ALA A 55 -7.53 27.02 -11.44
CA ALA A 55 -6.91 27.42 -12.69
C ALA A 55 -6.84 28.92 -12.80
N GLU A 56 -6.01 29.37 -13.72
CA GLU A 56 -5.97 30.78 -14.05
C GLU A 56 -7.08 31.07 -15.07
N GLY A 57 -7.99 31.98 -14.72
CA GLY A 57 -8.98 32.46 -15.66
C GLY A 57 -8.40 33.69 -16.34
N ARG A 58 -8.00 33.53 -17.59
CA ARG A 58 -7.33 34.59 -18.34
C ARG A 58 -8.37 35.33 -19.14
N ARG A 59 -8.61 36.57 -18.73
CA ARG A 59 -9.87 37.23 -19.08
C ARG A 59 -10.01 37.51 -20.56
N HIS A 60 -8.97 38.07 -21.17
CA HIS A 60 -9.05 38.67 -22.52
C HIS A 60 -8.29 37.93 -23.60
N THR A 61 -7.20 37.28 -23.22
CA THR A 61 -6.33 36.58 -24.17
C THR A 61 -5.75 35.38 -23.45
N ASN A 62 -4.94 34.60 -24.16
CA ASN A 62 -4.23 33.49 -23.52
C ASN A 62 -2.89 33.88 -22.85
N GLN A 63 -2.53 35.16 -22.90
CA GLN A 63 -1.24 35.66 -22.39
C GLN A 63 -1.06 35.52 -20.87
N ASP A 64 0.19 35.45 -20.43
CA ASP A 64 0.52 35.21 -19.02
C ASP A 64 0.28 36.44 -18.14
N PHE A 65 0.19 37.61 -18.77
CA PHE A 65 0.10 38.87 -18.04
C PHE A 65 -1.27 39.50 -18.34
N GLY A 66 -1.59 40.62 -17.72
CA GLY A 66 -2.90 41.24 -17.88
C GLY A 66 -3.89 40.70 -16.86
N ASP A 67 -5.17 41.01 -17.05
CA ASP A 67 -6.22 40.73 -16.06
C ASP A 67 -6.47 39.23 -16.02
N ILE A 68 -5.99 38.60 -14.95
CA ILE A 68 -6.14 37.15 -14.76
C ILE A 68 -6.64 36.90 -13.36
N ASN A 69 -7.72 36.11 -13.27
CA ASN A 69 -8.31 35.76 -11.97
C ASN A 69 -8.05 34.32 -11.61
N LEU A 70 -7.94 34.07 -10.30
CA LEU A 70 -7.81 32.71 -9.83
C LEU A 70 -9.18 32.05 -9.63
N VAL A 71 -9.47 31.09 -10.50
CA VAL A 71 -10.78 30.42 -10.49
C VAL A 71 -10.70 28.98 -9.99
N TYR A 72 -11.86 28.42 -9.68
CA TYR A 72 -11.93 27.03 -9.27
C TYR A 72 -13.30 26.42 -9.42
N LYS A 73 -13.32 25.09 -9.32
CA LYS A 73 -14.54 24.31 -9.29
C LYS A 73 -14.35 23.24 -8.22
N ARG A 74 -15.43 22.90 -7.54
CA ARG A 74 -15.41 21.76 -6.62
C ARG A 74 -16.34 20.65 -7.12
N THR A 75 -16.06 19.41 -6.71
CA THR A 75 -17.06 18.34 -6.83
C THR A 75 -18.23 18.73 -5.92
N LYS A 76 -19.44 18.45 -6.36
CA LYS A 76 -20.65 18.85 -5.66
C LYS A 76 -20.77 18.16 -4.34
N THR A 77 -20.27 16.94 -4.28
CA THR A 77 -20.26 16.14 -3.05
C THR A 77 -18.83 15.71 -2.74
N THR A 78 -18.64 15.19 -1.52
CA THR A 78 -17.35 14.67 -1.07
C THR A 78 -17.10 13.25 -1.60
N ALA A 79 -18.16 12.59 -2.11
CA ALA A 79 -18.10 11.20 -2.54
C ALA A 79 -18.23 10.93 -4.04
N ASN A 80 -18.40 11.94 -4.88
CA ASN A 80 -18.63 11.60 -6.30
C ASN A 80 -17.34 11.46 -7.15
N ASN A 81 -16.21 11.88 -6.60
CA ASN A 81 -14.91 11.73 -7.24
C ASN A 81 -14.83 12.35 -8.66
N GLY A 82 -15.69 13.33 -8.92
CA GLY A 82 -15.63 14.08 -10.18
C GLY A 82 -15.73 13.17 -11.40
N ALA A 83 -16.52 12.10 -11.28
CA ALA A 83 -16.67 11.08 -12.33
C ALA A 83 -17.29 11.56 -13.64
N SER A 84 -18.19 12.54 -13.57
CA SER A 84 -18.93 13.02 -14.75
C SER A 84 -19.10 14.53 -14.67
N PRO A 85 -19.38 15.20 -15.82
CA PRO A 85 -19.55 16.66 -15.75
C PRO A 85 -20.60 17.15 -14.77
N SER A 86 -21.71 16.44 -14.62
CA SER A 86 -22.74 16.82 -13.65
C SER A 86 -22.30 16.64 -12.17
N ASP A 87 -21.16 15.99 -11.95
CA ASP A 87 -20.56 15.87 -10.60
C ASP A 87 -19.83 17.11 -10.10
N TRP A 88 -19.66 18.09 -11.00
CA TRP A 88 -18.87 19.29 -10.74
C TRP A 88 -19.73 20.55 -10.61
N GLU A 89 -19.45 21.34 -9.57
CA GLU A 89 -20.11 22.62 -9.34
C GLU A 89 -19.72 23.57 -10.46
N PRO A 90 -20.48 24.67 -10.62
CA PRO A 90 -20.17 25.74 -11.56
C PRO A 90 -18.90 26.49 -11.17
N LEU A 91 -18.32 27.21 -12.10
CA LEU A 91 -17.11 27.99 -11.83
C LEU A 91 -17.28 28.98 -10.69
N ARG A 92 -16.30 29.00 -9.78
CA ARG A 92 -16.21 29.98 -8.71
C ARG A 92 -14.87 30.74 -8.75
N GLU A 93 -14.73 31.72 -7.87
CA GLU A 93 -13.54 32.56 -7.83
C GLU A 93 -12.88 32.61 -6.47
N VAL A 94 -11.59 32.33 -6.42
CA VAL A 94 -10.81 32.50 -5.20
C VAL A 94 -10.47 33.98 -5.00
N VAL A 95 -9.88 34.58 -6.04
CA VAL A 95 -9.53 35.99 -6.00
C VAL A 95 -9.46 36.54 -7.42
N GLY A 96 -10.05 37.73 -7.64
CA GLY A 96 -9.94 38.38 -8.94
C GLY A 96 -9.79 39.90 -8.92
N SER A 97 -9.49 40.46 -7.74
CA SER A 97 -9.43 41.92 -7.53
C SER A 97 -8.39 42.62 -8.42
N GLY A 98 -8.76 43.77 -9.00
CA GLY A 98 -7.83 44.51 -9.85
C GLY A 98 -7.76 43.95 -11.26
N ALA A 99 -6.93 44.58 -12.09
CA ALA A 99 -6.72 44.22 -13.51
C ALA A 99 -5.35 43.54 -13.74
N GLY A 100 -4.68 43.25 -12.63
CA GLY A 100 -3.38 42.56 -12.65
C GLY A 100 -3.58 41.06 -12.69
N THR A 101 -2.48 40.33 -12.49
CA THR A 101 -2.40 38.86 -12.62
C THR A 101 -2.46 38.17 -11.25
N TRP A 102 -3.46 37.30 -11.06
CA TRP A 102 -3.55 36.43 -9.88
C TRP A 102 -3.40 35.02 -10.43
N GLY A 103 -2.31 34.33 -10.08
CA GLY A 103 -2.08 33.02 -10.65
C GLY A 103 -1.14 32.08 -9.93
N ASN A 104 -0.59 31.16 -10.72
CA ASN A 104 0.30 30.14 -10.21
C ASN A 104 -0.32 29.37 -9.04
N PRO A 105 -1.56 28.84 -9.19
CA PRO A 105 -2.14 28.16 -8.03
C PRO A 105 -1.28 26.98 -7.59
N THR A 106 -0.94 26.96 -6.30
CA THR A 106 -0.12 25.91 -5.68
C THR A 106 -0.74 25.52 -4.34
N PRO A 107 -1.72 24.59 -4.37
CA PRO A 107 -2.40 24.23 -3.12
C PRO A 107 -1.75 23.09 -2.38
N VAL A 108 -2.07 22.98 -1.10
CA VAL A 108 -1.73 21.82 -0.29
C VAL A 108 -2.77 21.74 0.84
N VAL A 109 -3.17 20.51 1.16
CA VAL A 109 -4.22 20.27 2.13
C VAL A 109 -3.54 19.88 3.40
N ASP A 110 -3.83 20.60 4.48
CA ASP A 110 -3.21 20.29 5.77
C ASP A 110 -4.04 19.28 6.58
N ASP A 111 -3.47 18.79 7.68
CA ASP A 111 -4.08 17.68 8.43
C ASP A 111 -5.52 17.97 8.93
N ASP A 112 -5.79 19.23 9.22
CA ASP A 112 -7.07 19.65 9.81
C ASP A 112 -8.09 19.92 8.69
N ASN A 113 -7.68 19.65 7.45
CA ASN A 113 -8.40 20.01 6.23
C ASN A 113 -8.45 21.51 5.92
N THR A 114 -7.61 22.31 6.58
CA THR A 114 -7.33 23.65 6.04
C THR A 114 -6.69 23.43 4.67
N ILE A 115 -7.26 24.08 3.64
CA ILE A 115 -6.60 24.10 2.34
C ILE A 115 -5.87 25.42 2.15
N TYR A 116 -4.54 25.34 2.14
CA TYR A 116 -3.70 26.46 1.79
C TYR A 116 -3.58 26.59 0.26
N LEU A 117 -3.68 27.81 -0.25
CA LEU A 117 -3.42 28.08 -1.64
C LEU A 117 -2.39 29.20 -1.81
N PHE A 118 -1.19 28.81 -2.21
CA PHE A 118 -0.14 29.75 -2.53
C PHE A 118 -0.35 30.25 -3.95
N LEU A 119 -0.15 31.56 -4.12
CA LEU A 119 -0.39 32.24 -5.38
C LEU A 119 0.69 33.25 -5.69
N SER A 120 0.92 33.50 -6.98
CA SER A 120 1.74 34.61 -7.45
C SER A 120 0.83 35.72 -7.96
N TRP A 121 1.29 36.96 -7.81
CA TRP A 121 0.58 38.14 -8.29
C TRP A 121 1.53 39.08 -9.02
N ASN A 122 1.07 39.70 -10.10
CA ASN A 122 1.74 40.90 -10.59
C ASN A 122 0.71 41.98 -10.98
N GLY A 123 1.19 43.23 -11.02
CA GLY A 123 0.34 44.38 -11.34
C GLY A 123 -0.20 44.41 -12.74
N ALA A 124 -1.19 45.28 -12.96
CA ALA A 124 -1.88 45.37 -14.25
C ALA A 124 -0.99 45.80 -15.42
N THR A 125 0.05 46.56 -15.13
CA THR A 125 0.83 47.19 -16.21
C THR A 125 2.23 46.62 -16.38
N TYR A 126 2.48 45.45 -15.77
CA TYR A 126 3.79 44.78 -15.79
C TYR A 126 3.68 43.41 -16.43
N SER A 127 4.71 43.03 -17.17
CA SER A 127 4.84 41.65 -17.66
C SER A 127 6.29 41.19 -17.52
N GLN A 128 6.49 39.88 -17.55
CA GLN A 128 7.81 39.27 -17.43
C GLN A 128 8.85 39.88 -18.38
N ASN A 129 8.46 40.02 -19.65
CA ASN A 129 9.36 40.52 -20.69
C ASN A 129 9.35 42.05 -20.80
N GLY A 130 8.21 42.67 -20.50
CA GLY A 130 8.03 44.09 -20.71
C GLY A 130 7.72 44.38 -22.17
N LYS A 131 7.21 45.59 -22.41
CA LYS A 131 6.81 46.08 -23.75
C LYS A 131 5.75 45.26 -24.45
N ASP A 132 4.93 44.51 -23.71
CA ASP A 132 3.83 43.78 -24.31
C ASP A 132 2.63 44.70 -24.42
N VAL A 133 1.84 44.55 -25.50
CA VAL A 133 0.66 45.39 -25.66
C VAL A 133 -0.57 44.74 -25.04
N LEU A 134 -1.18 45.45 -24.10
CA LEU A 134 -2.42 45.03 -23.42
C LEU A 134 -3.60 45.31 -24.37
N PRO A 135 -4.78 44.70 -24.09
CA PRO A 135 -5.93 44.89 -24.99
C PRO A 135 -6.30 46.33 -25.33
N ASP A 136 -6.08 47.25 -24.39
CA ASP A 136 -6.43 48.68 -24.59
C ASP A 136 -5.30 49.52 -25.21
N GLY A 137 -4.21 48.85 -25.60
CA GLY A 137 -3.11 49.53 -26.27
C GLY A 137 -1.97 49.97 -25.38
N THR A 138 -2.21 49.97 -24.06
CA THR A 138 -1.17 50.21 -23.04
C THR A 138 -0.01 49.26 -23.27
N VAL A 139 1.21 49.76 -23.15
CA VAL A 139 2.40 48.92 -23.29
C VAL A 139 2.99 48.64 -21.89
N THR A 140 3.25 47.36 -21.60
CA THR A 140 3.68 46.96 -20.26
C THR A 140 5.11 47.41 -19.93
N LYS A 141 5.33 47.62 -18.63
CA LYS A 141 6.67 47.76 -18.06
C LYS A 141 7.19 46.38 -17.74
N LYS A 142 8.50 46.20 -17.86
CA LYS A 142 9.11 44.93 -17.47
C LYS A 142 9.03 44.71 -15.96
N ILE A 143 8.60 43.52 -15.54
CA ILE A 143 8.63 43.17 -14.11
C ILE A 143 10.00 43.44 -13.52
N ASP A 144 10.02 44.16 -12.40
CA ASP A 144 11.27 44.64 -11.83
C ASP A 144 11.30 44.42 -10.33
N SER A 145 12.29 45.01 -9.66
CA SER A 145 12.53 44.72 -8.24
C SER A 145 11.81 45.69 -7.27
N THR A 146 11.01 46.61 -7.80
CA THR A 146 10.20 47.53 -6.97
C THR A 146 8.97 46.82 -6.40
N TRP A 147 8.38 47.41 -5.36
CA TRP A 147 7.19 46.84 -4.74
C TRP A 147 6.04 46.73 -5.74
N GLU A 148 5.83 47.80 -6.50
CA GLU A 148 4.75 47.84 -7.49
C GLU A 148 5.01 46.89 -8.67
N GLY A 149 6.27 46.69 -9.02
CA GLY A 149 6.66 45.99 -10.24
C GLY A 149 7.15 44.55 -10.13
N ARG A 150 7.33 44.07 -8.91
CA ARG A 150 7.85 42.72 -8.68
C ARG A 150 6.73 41.69 -8.58
N ARG A 151 7.08 40.42 -8.78
CA ARG A 151 6.15 39.36 -8.50
C ARG A 151 6.05 39.11 -7.00
N HIS A 152 4.80 39.11 -6.53
CA HIS A 152 4.44 38.89 -5.14
C HIS A 152 4.04 37.46 -4.89
N LEU A 153 4.18 37.05 -3.63
CA LEU A 153 3.73 35.76 -3.19
C LEU A 153 2.59 35.98 -2.20
N TYR A 154 1.41 35.48 -2.57
CA TYR A 154 0.23 35.58 -1.73
C TYR A 154 -0.19 34.25 -1.10
N LEU A 155 -0.91 34.30 0.01
CA LEU A 155 -1.46 33.07 0.59
C LEU A 155 -2.91 33.26 1.01
N THR A 156 -3.77 32.38 0.50
CA THR A 156 -5.15 32.27 0.97
C THR A 156 -5.43 30.86 1.46
N GLU A 157 -6.47 30.72 2.26
CA GLU A 157 -6.86 29.40 2.76
C GLU A 157 -8.38 29.24 2.90
N SER A 158 -8.82 27.99 2.89
CA SER A 158 -10.23 27.67 3.12
C SER A 158 -10.34 26.79 4.35
N ARG A 159 -11.34 27.06 5.19
CA ARG A 159 -11.59 26.27 6.37
C ARG A 159 -12.86 25.40 6.21
N ASP A 160 -13.52 25.51 5.06
CA ASP A 160 -14.84 24.88 4.88
C ASP A 160 -14.85 24.09 3.58
N ASP A 161 -13.74 23.37 3.34
CA ASP A 161 -13.66 22.37 2.29
C ASP A 161 -13.73 23.05 0.92
N GLY A 162 -13.15 24.25 0.82
CA GLY A 162 -13.08 24.99 -0.45
C GLY A 162 -14.30 25.83 -0.79
N ASN A 163 -15.28 25.84 0.12
CA ASN A 163 -16.49 26.60 -0.13
C ASN A 163 -16.24 28.10 -0.17
N THR A 164 -15.44 28.60 0.78
CA THR A 164 -15.03 30.02 0.79
C THR A 164 -13.53 30.16 1.02
N TRP A 165 -12.99 31.31 0.62
CA TRP A 165 -11.55 31.59 0.73
C TRP A 165 -11.30 32.94 1.42
N SER A 166 -10.24 33.02 2.22
CA SER A 166 -9.80 34.32 2.77
C SER A 166 -9.28 35.28 1.70
N LYS A 167 -9.35 36.58 1.97
CA LYS A 167 -8.67 37.57 1.14
C LYS A 167 -7.16 37.23 1.23
N PRO A 168 -6.50 37.06 0.07
CA PRO A 168 -5.08 36.63 0.07
C PRO A 168 -4.17 37.58 0.84
N VAL A 169 -3.33 37.01 1.71
CA VAL A 169 -2.39 37.78 2.50
C VAL A 169 -1.06 37.76 1.78
N ASP A 170 -0.42 38.91 1.71
CA ASP A 170 0.85 39.09 0.98
C ASP A 170 2.05 38.65 1.84
N LEU A 171 2.75 37.58 1.42
CA LEU A 171 3.86 37.06 2.22
C LEU A 171 5.19 37.24 1.48
N THR A 172 5.23 38.23 0.58
CA THR A 172 6.41 38.47 -0.24
C THR A 172 7.62 38.77 0.63
N LYS A 173 7.48 39.72 1.55
CA LYS A 173 8.63 40.14 2.36
C LYS A 173 9.15 39.01 3.24
N GLU A 174 8.25 38.06 3.56
CA GLU A 174 8.57 36.97 4.45
C GLU A 174 9.17 35.77 3.72
N LEU A 175 8.62 35.45 2.55
CA LEU A 175 8.98 34.20 1.88
C LEU A 175 9.58 34.31 0.47
N THR A 176 9.80 35.55 0.01
CA THR A 176 10.54 35.83 -1.22
C THR A 176 11.79 36.64 -0.86
N PRO A 177 12.96 36.18 -1.32
CA PRO A 177 14.20 36.89 -1.05
C PRO A 177 14.16 38.34 -1.53
N ASP A 178 14.73 39.24 -0.75
CA ASP A 178 14.77 40.66 -1.12
C ASP A 178 15.44 40.89 -2.47
N GLY A 179 14.99 41.92 -3.19
CA GLY A 179 15.63 42.30 -4.44
C GLY A 179 15.23 41.48 -5.65
N TRP A 180 14.39 40.47 -5.42
CA TRP A 180 13.86 39.68 -6.52
C TRP A 180 12.84 40.48 -7.33
N ALA A 181 12.72 40.12 -8.60
CA ALA A 181 11.75 40.72 -9.50
C ALA A 181 10.78 39.64 -9.89
N TRP A 182 11.12 38.88 -10.95
CA TRP A 182 10.32 37.71 -11.32
C TRP A 182 10.31 36.71 -10.16
N ASP A 183 9.19 36.00 -10.01
CA ASP A 183 9.07 34.93 -9.05
C ASP A 183 7.93 34.03 -9.54
N ALA A 184 7.89 32.82 -9.02
CA ALA A 184 6.83 31.87 -9.29
C ALA A 184 6.72 30.97 -8.07
N VAL A 185 5.49 30.63 -7.69
CA VAL A 185 5.22 29.50 -6.81
C VAL A 185 4.62 28.39 -7.68
N GLY A 186 5.05 27.15 -7.43
CA GLY A 186 4.65 26.01 -8.26
C GLY A 186 4.86 26.31 -9.73
N PRO A 187 3.81 26.18 -10.55
CA PRO A 187 2.43 25.90 -10.13
C PRO A 187 2.11 24.41 -10.09
N GLY A 188 1.15 24.03 -9.26
CA GLY A 188 0.68 22.65 -9.26
C GLY A 188 0.17 22.22 -7.90
N ASN A 189 1.08 21.84 -7.01
CA ASN A 189 0.74 21.44 -5.64
C ASN A 189 1.93 21.42 -4.68
N GLY A 190 1.64 21.65 -3.41
CA GLY A 190 2.57 21.33 -2.33
C GLY A 190 2.25 19.94 -1.79
N ILE A 191 3.03 19.50 -0.81
CA ILE A 191 2.88 18.16 -0.25
C ILE A 191 2.94 18.21 1.27
N ARG A 192 2.44 17.16 1.91
CA ARG A 192 2.54 16.98 3.35
C ARG A 192 3.35 15.70 3.55
N LEU A 193 4.44 15.86 4.29
CA LEU A 193 5.42 14.80 4.53
C LEU A 193 4.97 13.81 5.58
N THR A 194 5.47 12.58 5.48
CA THR A 194 5.18 11.57 6.48
C THR A 194 5.51 12.12 7.87
N THR A 195 6.59 12.91 7.94
CA THR A 195 7.09 13.47 9.19
C THR A 195 6.30 14.70 9.69
N GLY A 196 5.32 15.14 8.90
CA GLY A 196 4.33 16.12 9.34
C GLY A 196 4.41 17.52 8.76
N GLU A 197 5.57 17.90 8.22
CA GLU A 197 5.79 19.23 7.59
C GLU A 197 5.13 19.38 6.23
N LEU A 198 4.89 20.63 5.82
CA LEU A 198 4.43 20.94 4.45
C LEU A 198 5.60 21.40 3.62
N VAL A 199 5.60 21.05 2.34
CA VAL A 199 6.63 21.55 1.42
C VAL A 199 5.98 22.05 0.14
N ILE A 200 6.19 23.33 -0.13
CA ILE A 200 5.62 23.99 -1.31
C ILE A 200 6.76 24.35 -2.24
N PRO A 201 6.74 23.84 -3.48
CA PRO A 201 7.84 24.19 -4.38
C PRO A 201 7.67 25.60 -4.95
N ALA A 202 8.78 26.33 -5.09
CA ALA A 202 8.76 27.66 -5.66
C ALA A 202 10.05 27.90 -6.44
N MET A 203 10.15 29.06 -7.07
CA MET A 203 11.37 29.41 -7.80
C MET A 203 12.57 29.49 -6.85
N GLY A 204 13.60 28.68 -7.10
CA GLY A 204 14.88 28.82 -6.40
C GLY A 204 14.86 28.39 -4.94
N ARG A 205 13.76 27.78 -4.51
CA ARG A 205 13.52 27.57 -3.08
C ARG A 205 12.32 26.68 -2.82
N ASN A 206 12.31 26.05 -1.64
CA ASN A 206 11.10 25.46 -1.10
C ASN A 206 10.57 26.34 0.01
N ILE A 207 9.25 26.34 0.17
CA ILE A 207 8.60 26.98 1.31
C ILE A 207 8.22 25.84 2.22
N ILE A 208 8.67 25.92 3.47
CA ILE A 208 8.43 24.88 4.44
C ILE A 208 7.44 25.38 5.48
N GLY A 209 6.47 24.52 5.81
CA GLY A 209 5.45 24.81 6.81
C GLY A 209 5.60 23.85 7.99
N ARG A 210 5.79 24.41 9.19
CA ARG A 210 5.93 23.59 10.38
C ARG A 210 4.92 23.96 11.46
N GLY A 211 4.76 23.06 12.43
CA GLY A 211 3.81 23.30 13.53
C GLY A 211 2.39 22.84 13.26
N ALA A 212 1.45 23.42 14.01
CA ALA A 212 0.05 22.98 14.04
C ALA A 212 -0.64 23.12 12.68
N PRO A 213 -1.32 22.04 12.22
CA PRO A 213 -2.06 22.03 10.96
C PRO A 213 -3.01 23.21 10.80
N GLY A 214 -2.91 23.92 9.68
CA GLY A 214 -3.80 25.05 9.44
C GLY A 214 -3.39 26.30 10.21
N ASN A 215 -2.26 26.21 10.90
CA ASN A 215 -1.71 27.32 11.68
C ASN A 215 -0.19 27.27 11.62
N ARG A 216 0.35 27.06 10.41
CA ARG A 216 1.75 26.72 10.22
C ARG A 216 2.65 27.94 10.32
N THR A 217 3.87 27.71 10.80
CA THR A 217 4.98 28.65 10.67
C THR A 217 5.71 28.34 9.35
N TRP A 218 5.92 29.36 8.51
CA TRP A 218 6.55 29.22 7.21
C TRP A 218 8.01 29.69 7.23
N SER A 219 8.85 29.01 6.45
CA SER A 219 10.24 29.37 6.34
C SER A 219 10.72 29.04 4.93
N VAL A 220 11.85 29.60 4.54
CA VAL A 220 12.38 29.42 3.18
C VAL A 220 13.61 28.49 3.20
N GLN A 221 13.58 27.49 2.32
CA GLN A 221 14.73 26.62 2.09
C GLN A 221 15.29 26.99 0.74
N ARG A 222 16.43 27.66 0.75
CA ARG A 222 17.06 28.12 -0.49
C ARG A 222 17.72 26.96 -1.20
N LEU A 223 17.60 26.94 -2.52
CA LEU A 223 18.15 25.86 -3.30
C LEU A 223 19.09 26.37 -4.36
N SER A 224 20.14 25.61 -4.61
CA SER A 224 21.11 25.95 -5.63
C SER A 224 20.80 25.25 -6.96
N GLY A 225 20.58 26.03 -8.01
CA GLY A 225 20.41 25.49 -9.34
C GLY A 225 19.00 25.01 -9.67
N ALA A 226 18.04 25.34 -8.81
CA ALA A 226 16.63 25.03 -9.07
C ALA A 226 16.02 25.85 -10.21
N GLY A 227 14.88 25.37 -10.69
CA GLY A 227 14.12 26.08 -11.72
C GLY A 227 13.21 27.15 -11.17
N ALA A 228 12.54 27.83 -12.10
CA ALA A 228 11.44 28.75 -11.74
C ALA A 228 10.16 27.99 -11.40
N GLU A 229 9.85 26.94 -12.18
CA GLU A 229 8.64 26.13 -11.95
C GLU A 229 8.99 24.73 -11.47
N GLY A 230 8.88 24.52 -10.17
CA GLY A 230 9.32 23.26 -9.56
C GLY A 230 8.18 22.38 -9.15
N THR A 231 8.48 21.08 -9.05
CA THR A 231 7.58 20.09 -8.42
C THR A 231 8.32 19.42 -7.27
N ILE A 232 7.56 18.91 -6.31
CA ILE A 232 8.14 18.29 -5.13
C ILE A 232 7.34 17.02 -4.84
N VAL A 233 8.06 15.98 -4.45
CA VAL A 233 7.36 14.81 -3.91
C VAL A 233 8.25 14.20 -2.87
N GLN A 234 7.65 13.45 -1.96
CA GLN A 234 8.42 12.61 -1.07
C GLN A 234 8.48 11.21 -1.70
N THR A 235 9.71 10.76 -1.97
CA THR A 235 9.89 9.46 -2.59
C THR A 235 9.71 8.37 -1.53
N PRO A 236 9.64 7.08 -1.95
CA PRO A 236 9.32 6.03 -0.99
C PRO A 236 10.35 5.89 0.16
N ASP A 237 11.62 6.22 -0.12
CA ASP A 237 12.65 6.26 0.93
C ASP A 237 12.47 7.37 1.98
N GLY A 238 11.48 8.23 1.79
CA GLY A 238 11.19 9.31 2.74
C GLY A 238 11.94 10.60 2.43
N LYS A 239 12.79 10.56 1.40
CA LYS A 239 13.55 11.72 1.01
C LYS A 239 12.68 12.63 0.13
N LEU A 240 13.15 13.87 -0.05
CA LEU A 240 12.49 14.85 -0.92
C LEU A 240 13.09 14.79 -2.32
N TYR A 241 12.30 15.22 -3.30
CA TYR A 241 12.65 15.05 -4.71
C TYR A 241 12.06 16.25 -5.41
N ARG A 242 12.93 17.12 -5.92
CA ARG A 242 12.52 18.23 -6.79
C ARG A 242 12.69 17.78 -8.25
N ASN A 243 11.66 18.06 -9.04
CA ASN A 243 11.68 17.76 -10.46
C ASN A 243 11.14 19.00 -11.15
N ASP A 244 12.06 19.76 -11.69
CA ASP A 244 11.80 21.13 -12.12
C ASP A 244 11.82 21.27 -13.64
N ARG A 245 11.11 22.27 -14.13
CA ARG A 245 11.15 22.63 -15.55
C ARG A 245 12.54 23.14 -15.92
N PRO A 246 13.10 22.67 -17.06
CA PRO A 246 14.42 23.21 -17.40
C PRO A 246 14.37 24.62 -17.96
N SER A 247 15.48 25.35 -17.83
CA SER A 247 15.56 26.71 -18.39
C SER A 247 15.49 26.72 -19.92
N GLN A 248 16.03 25.68 -20.54
CA GLN A 248 15.97 25.51 -21.99
C GLN A 248 15.44 24.13 -22.30
N LYS A 249 14.79 23.99 -23.46
CA LYS A 249 14.24 22.72 -23.89
C LYS A 249 15.23 21.57 -23.73
N GLY A 250 14.74 20.41 -23.31
CA GLY A 250 15.63 19.28 -23.12
C GLY A 250 15.09 18.17 -22.25
N TYR A 251 15.37 18.28 -20.96
CA TYR A 251 15.04 17.27 -19.95
C TYR A 251 14.60 17.90 -18.65
N ARG A 252 13.82 17.16 -17.86
CA ARG A 252 13.47 17.59 -16.49
C ARG A 252 14.74 17.67 -15.64
N MET A 253 14.78 18.63 -14.74
CA MET A 253 15.94 18.81 -13.89
C MET A 253 15.61 18.32 -12.47
N VAL A 254 16.34 17.32 -12.00
CA VAL A 254 15.99 16.61 -10.77
C VAL A 254 17.08 16.81 -9.71
N ALA A 255 16.66 16.99 -8.46
CA ALA A 255 17.56 17.03 -7.32
C ALA A 255 16.91 16.35 -6.15
N ARG A 256 17.70 15.74 -5.28
CA ARG A 256 17.14 15.01 -4.13
C ARG A 256 17.79 15.51 -2.85
N GLY A 257 17.04 15.45 -1.76
CA GLY A 257 17.52 15.94 -0.48
C GLY A 257 16.54 15.74 0.66
N THR A 258 16.70 16.57 1.69
CA THR A 258 15.84 16.55 2.88
C THR A 258 15.59 18.00 3.30
N LEU A 259 14.91 18.16 4.43
CA LEU A 259 14.67 19.45 5.02
C LEU A 259 15.97 20.11 5.51
N GLU A 260 17.07 19.34 5.54
CA GLU A 260 18.37 19.86 5.91
C GLU A 260 19.18 20.34 4.70
N GLY A 261 18.74 19.97 3.49
CA GLY A 261 19.34 20.47 2.27
C GLY A 261 19.31 19.50 1.10
N PHE A 262 19.55 20.03 -0.09
CA PHE A 262 19.52 19.26 -1.33
C PHE A 262 20.88 19.15 -2.01
N GLY A 263 21.06 18.06 -2.75
CA GLY A 263 22.17 17.93 -3.69
C GLY A 263 21.89 18.74 -4.95
N ALA A 264 22.81 18.58 -5.92
CA ALA A 264 22.78 19.32 -7.16
C ALA A 264 21.62 18.84 -8.03
N PHE A 265 21.09 19.74 -8.85
CA PHE A 265 20.18 19.39 -9.92
C PHE A 265 20.97 18.87 -11.11
N ALA A 266 20.42 17.82 -11.74
CA ALA A 266 20.99 17.25 -12.95
C ALA A 266 19.84 16.86 -13.86
N PRO A 267 20.06 16.91 -15.19
CA PRO A 267 18.96 16.48 -16.07
C PRO A 267 18.70 14.96 -16.00
N ASP A 268 17.42 14.58 -15.94
CA ASP A 268 17.03 13.18 -16.06
C ASP A 268 16.88 12.82 -17.54
N ALA A 269 17.85 12.05 -18.06
CA ALA A 269 17.87 11.71 -19.48
C ALA A 269 16.65 10.88 -19.87
N GLY A 270 16.03 10.23 -18.89
CA GLY A 270 14.82 9.45 -19.12
C GLY A 270 13.54 10.26 -19.22
N LEU A 271 13.60 11.55 -18.87
CA LEU A 271 12.42 12.43 -18.88
C LEU A 271 12.58 13.68 -19.77
N PRO A 272 12.44 13.51 -21.11
CA PRO A 272 12.51 14.68 -21.98
C PRO A 272 11.39 15.66 -21.62
N ASP A 273 11.62 16.93 -21.92
CA ASP A 273 10.68 17.99 -21.54
C ASP A 273 10.95 19.16 -22.46
N PRO A 274 9.88 19.85 -22.91
CA PRO A 274 10.03 20.91 -23.93
C PRO A 274 10.17 22.29 -23.31
N ALA A 275 10.64 22.36 -22.07
CA ALA A 275 10.59 23.60 -21.26
C ALA A 275 9.12 23.93 -20.97
N CYS A 276 8.50 23.07 -20.18
CA CYS A 276 7.12 23.27 -19.76
C CYS A 276 6.97 22.77 -18.32
N GLN A 277 5.92 23.18 -17.62
CA GLN A 277 5.60 22.63 -16.29
C GLN A 277 5.19 21.14 -16.41
N GLY A 278 5.36 20.42 -15.30
CA GLY A 278 4.95 19.03 -15.18
C GLY A 278 4.34 18.82 -13.79
N SER A 279 3.92 17.60 -13.51
CA SER A 279 3.38 17.26 -12.20
C SER A 279 3.92 15.91 -11.70
N VAL A 280 3.88 15.73 -10.37
CA VAL A 280 4.37 14.50 -9.71
C VAL A 280 3.39 14.14 -8.57
N LEU A 281 3.16 12.84 -8.34
CA LEU A 281 2.20 12.41 -7.31
C LEU A 281 2.78 11.24 -6.52
N ARG A 282 2.73 11.35 -5.20
CA ARG A 282 3.02 10.21 -4.33
C ARG A 282 1.76 9.34 -4.27
N TYR A 283 1.86 8.14 -4.83
CA TYR A 283 0.68 7.29 -4.91
C TYR A 283 0.43 6.39 -3.68
N ASN A 284 1.48 5.70 -3.22
CA ASN A 284 1.40 4.71 -2.13
C ASN A 284 2.79 4.29 -1.68
N SER A 285 2.93 3.89 -0.42
CA SER A 285 4.24 3.51 0.12
C SER A 285 4.43 2.02 0.42
N ASP A 286 3.34 1.25 0.47
CA ASP A 286 3.47 -0.19 0.67
C ASP A 286 3.82 -0.89 -0.65
N ALA A 287 4.46 -2.05 -0.60
CA ALA A 287 4.84 -2.78 -1.82
C ALA A 287 3.62 -2.99 -2.72
N PRO A 288 3.74 -2.64 -4.02
CA PRO A 288 4.91 -1.96 -4.59
C PRO A 288 4.71 -0.46 -4.51
N ALA A 289 5.63 0.24 -3.83
CA ALA A 289 5.55 1.69 -3.71
C ALA A 289 5.57 2.34 -5.10
N ARG A 290 4.79 3.39 -5.27
CA ARG A 290 4.69 4.07 -6.57
C ARG A 290 4.70 5.60 -6.52
N THR A 291 5.43 6.19 -7.48
CA THR A 291 5.44 7.64 -7.71
C THR A 291 4.95 7.80 -9.13
N ILE A 292 4.09 8.80 -9.34
CA ILE A 292 3.53 9.06 -10.65
C ILE A 292 4.11 10.37 -11.16
N PHE A 293 4.36 10.44 -12.46
CA PHE A 293 4.86 11.65 -13.10
C PHE A 293 4.13 11.90 -14.42
N LEU A 294 3.79 13.16 -14.66
CA LEU A 294 3.13 13.59 -15.89
C LEU A 294 3.80 14.83 -16.49
N ASN A 295 4.15 14.74 -17.78
CA ASN A 295 4.62 15.91 -18.52
C ASN A 295 4.45 15.65 -20.00
N SER A 296 4.91 16.58 -20.82
CA SER A 296 5.05 16.32 -22.24
C SER A 296 6.40 15.65 -22.54
N ALA A 297 6.32 14.39 -22.93
CA ALA A 297 7.51 13.55 -23.15
C ALA A 297 8.18 13.86 -24.50
N SER A 298 8.67 15.08 -24.63
CA SER A 298 9.23 15.57 -25.88
C SER A 298 10.18 16.70 -25.58
N GLY A 299 11.26 16.79 -26.35
CA GLY A 299 12.15 17.95 -26.25
C GLY A 299 11.67 19.16 -27.02
N THR A 300 10.63 19.01 -27.84
CA THR A 300 10.19 20.12 -28.71
C THR A 300 8.74 20.54 -28.56
N SER A 301 7.87 19.60 -28.20
CA SER A 301 6.43 19.84 -28.26
C SER A 301 5.72 19.62 -26.93
N ARG A 302 4.68 20.41 -26.66
CA ARG A 302 3.86 20.23 -25.46
C ARG A 302 2.72 19.25 -25.68
N ARG A 303 2.66 18.64 -26.87
CA ARG A 303 1.54 17.78 -27.25
C ARG A 303 1.90 16.30 -27.14
N ALA A 304 2.79 15.98 -26.20
CA ALA A 304 3.25 14.61 -26.01
C ALA A 304 3.01 14.13 -24.59
N MET A 305 1.83 14.42 -24.04
CA MET A 305 1.52 14.09 -22.63
C MET A 305 1.68 12.61 -22.34
N ARG A 306 2.34 12.30 -21.23
CA ARG A 306 2.69 10.94 -20.92
C ARG A 306 2.68 10.79 -19.40
N VAL A 307 1.80 9.94 -18.87
CA VAL A 307 1.82 9.63 -17.44
C VAL A 307 2.70 8.36 -17.18
N ARG A 308 3.54 8.40 -16.16
CA ARG A 308 4.49 7.30 -15.86
C ARG A 308 4.51 6.90 -14.41
N ILE A 309 5.01 5.68 -14.14
CA ILE A 309 5.15 5.16 -12.79
C ILE A 309 6.62 4.90 -12.53
N SER A 310 7.09 5.26 -11.34
CA SER A 310 8.37 4.77 -10.85
C SER A 310 8.13 3.91 -9.61
N TYR A 311 8.90 2.83 -9.56
CA TYR A 311 8.88 1.88 -8.45
C TYR A 311 10.15 1.99 -7.60
N ASP A 312 11.05 2.88 -8.02
CA ASP A 312 12.31 3.13 -7.33
C ASP A 312 12.11 3.89 -6.05
N ALA A 313 12.85 3.49 -5.02
CA ALA A 313 12.75 4.10 -3.71
C ALA A 313 13.14 5.58 -3.73
N ASP A 314 13.88 5.98 -4.78
CA ASP A 314 14.32 7.36 -4.97
C ASP A 314 13.80 7.97 -6.28
N ALA A 315 12.80 7.33 -6.88
CA ALA A 315 12.27 7.69 -8.20
C ALA A 315 13.36 7.91 -9.25
N LYS A 316 14.39 7.05 -9.24
CA LYS A 316 15.51 7.23 -10.15
C LYS A 316 15.06 7.09 -11.59
N LYS A 317 14.27 6.06 -11.87
CA LYS A 317 13.75 5.81 -13.22
C LYS A 317 12.26 5.61 -13.22
N PHE A 318 11.61 6.28 -14.17
CA PHE A 318 10.19 6.05 -14.47
C PHE A 318 10.07 5.17 -15.70
N ASN A 319 9.05 4.32 -15.69
CA ASN A 319 8.67 3.50 -16.84
C ASN A 319 8.28 4.37 -18.05
N TYR A 320 8.07 3.74 -19.22
CA TYR A 320 7.63 4.48 -20.39
C TYR A 320 6.28 5.14 -20.10
N GLY A 321 5.39 4.41 -19.43
CA GLY A 321 4.07 4.93 -19.09
C GLY A 321 3.08 4.88 -20.23
N ARG A 322 2.12 5.82 -20.23
CA ARG A 322 1.10 5.84 -21.29
C ARG A 322 0.83 7.23 -21.84
N LYS A 323 0.74 7.33 -23.17
CA LYS A 323 0.39 8.57 -23.83
C LYS A 323 -1.08 8.87 -23.57
N LEU A 324 -1.37 10.09 -23.12
CA LEU A 324 -2.76 10.50 -22.88
C LEU A 324 -3.63 10.47 -24.14
N GLU A 325 -2.99 10.60 -25.31
CA GLU A 325 -3.67 10.50 -26.61
C GLU A 325 -4.31 9.14 -26.91
N ASP A 326 -3.93 8.11 -26.15
CA ASP A 326 -4.56 6.78 -26.21
C ASP A 326 -6.03 6.88 -25.77
N ALA A 327 -6.35 7.94 -25.06
CA ALA A 327 -7.72 8.21 -24.63
C ALA A 327 -8.04 9.68 -24.92
N LYS A 328 -8.02 10.05 -26.19
CA LYS A 328 -8.13 11.47 -26.52
C LYS A 328 -9.52 12.01 -26.23
N VAL A 329 -9.57 13.32 -25.93
CA VAL A 329 -10.84 14.02 -25.78
C VAL A 329 -11.11 14.69 -27.11
N SER A 330 -12.38 14.75 -27.48
CA SER A 330 -12.77 15.42 -28.70
C SER A 330 -13.45 16.74 -28.38
N GLY A 331 -13.21 17.73 -29.23
CA GLY A 331 -13.89 19.03 -29.15
C GLY A 331 -13.36 20.00 -28.12
N ALA A 332 -12.19 19.70 -27.56
CA ALA A 332 -11.55 20.56 -26.57
C ALA A 332 -10.20 21.12 -27.04
N GLY A 333 -9.90 21.01 -28.32
CA GLY A 333 -8.64 21.50 -28.86
C GLY A 333 -7.55 20.44 -28.80
N HIS A 334 -6.31 20.89 -28.94
CA HIS A 334 -5.16 19.99 -28.96
C HIS A 334 -4.56 19.86 -27.56
N GLU A 335 -4.74 18.68 -26.93
CA GLU A 335 -4.32 18.47 -25.56
C GLU A 335 -2.81 18.51 -25.37
N GLY A 336 -2.39 19.14 -24.29
CA GLY A 336 -0.99 19.19 -23.93
C GLY A 336 -0.53 20.54 -23.41
N GLY A 337 0.30 20.48 -22.38
CA GLY A 337 0.84 21.65 -21.68
C GLY A 337 0.97 21.29 -20.20
N TYR A 338 0.73 22.27 -19.35
CA TYR A 338 0.74 22.14 -17.88
C TYR A 338 -0.26 21.10 -17.40
N SER A 339 0.03 20.49 -16.24
CA SER A 339 -0.78 19.42 -15.69
C SER A 339 -0.72 19.42 -14.16
N SER A 340 -1.69 18.73 -13.53
CA SER A 340 -1.73 18.54 -12.08
C SER A 340 -2.46 17.22 -11.82
N MET A 341 -1.95 16.45 -10.86
CA MET A 341 -2.58 15.19 -10.43
C MET A 341 -2.91 15.13 -8.95
N THR A 342 -3.97 14.38 -8.66
CA THR A 342 -4.39 13.99 -7.32
C THR A 342 -4.77 12.50 -7.35
N LYS A 343 -4.84 11.87 -6.18
CA LYS A 343 -5.56 10.61 -6.09
C LYS A 343 -7.01 10.93 -5.77
N THR A 344 -7.92 10.14 -6.34
CA THR A 344 -9.34 10.20 -6.04
C THR A 344 -9.64 9.24 -4.91
N GLY A 345 -10.85 9.33 -4.37
CA GLY A 345 -11.33 8.41 -3.34
C GLY A 345 -11.78 7.05 -3.85
N ASP A 346 -11.91 6.92 -5.16
CA ASP A 346 -12.26 5.63 -5.75
C ASP A 346 -11.09 5.01 -6.51
N TYR A 347 -9.90 5.16 -5.95
CA TYR A 347 -8.66 4.53 -6.44
C TYR A 347 -8.34 4.83 -7.91
N LYS A 348 -8.55 6.08 -8.29
CA LYS A 348 -8.12 6.54 -9.59
C LYS A 348 -7.08 7.63 -9.39
N ILE A 349 -6.44 8.00 -10.49
CA ILE A 349 -5.65 9.20 -10.58
C ILE A 349 -6.50 10.23 -11.33
N GLY A 350 -6.60 11.44 -10.78
CA GLY A 350 -7.31 12.53 -11.43
C GLY A 350 -6.28 13.53 -11.91
N ALA A 351 -6.33 13.87 -13.18
CA ALA A 351 -5.39 14.80 -13.76
C ALA A 351 -6.08 15.92 -14.53
N LEU A 352 -5.62 17.14 -14.31
CA LEU A 352 -5.97 18.29 -15.12
C LEU A 352 -4.86 18.52 -16.14
N VAL A 353 -5.23 18.79 -17.39
CA VAL A 353 -4.25 18.98 -18.49
C VAL A 353 -4.71 20.12 -19.37
N GLU A 354 -3.79 21.04 -19.68
CA GLU A 354 -4.12 22.11 -20.61
C GLU A 354 -4.43 21.58 -22.02
N SER A 355 -5.24 22.34 -22.75
CA SER A 355 -5.51 22.04 -24.14
C SER A 355 -5.60 23.35 -24.91
N ASP A 356 -5.20 23.30 -26.19
CA ASP A 356 -5.04 24.50 -27.00
C ASP A 356 -5.75 24.33 -28.36
N PHE A 357 -6.77 25.14 -28.60
CA PHE A 357 -7.51 25.12 -29.86
C PHE A 357 -6.65 25.51 -31.05
N PHE A 358 -5.63 26.34 -30.80
CA PHE A 358 -4.61 26.70 -31.83
C PHE A 358 -5.21 27.44 -33.04
N ASN A 359 -6.38 28.05 -32.82
CA ASN A 359 -7.12 28.81 -33.84
C ASN A 359 -6.38 30.07 -34.28
N ASP A 360 -5.47 30.56 -33.43
CA ASP A 360 -4.64 31.72 -33.76
C ASP A 360 -3.15 31.31 -33.73
N GLY A 361 -2.91 30.01 -33.98
CA GLY A 361 -1.58 29.42 -33.90
C GLY A 361 -0.94 29.77 -32.56
N THR A 362 0.30 30.23 -32.59
CA THR A 362 1.01 30.58 -31.37
C THR A 362 0.55 31.91 -30.77
N GLY A 363 -0.41 32.58 -31.42
CA GLY A 363 -0.83 33.93 -31.03
C GLY A 363 -1.76 34.03 -29.83
N LYS A 364 -1.93 35.28 -29.36
CA LYS A 364 -2.70 35.59 -28.14
C LYS A 364 -4.18 35.19 -28.18
N ASN A 365 -4.74 35.06 -29.37
CA ASN A 365 -6.17 34.71 -29.46
C ASN A 365 -6.52 33.20 -29.52
N SER A 366 -5.51 32.33 -29.36
CA SER A 366 -5.75 30.89 -29.33
C SER A 366 -6.39 30.46 -28.00
N TYR A 367 -7.63 29.96 -28.09
CA TYR A 367 -8.39 29.58 -26.92
C TYR A 367 -7.72 28.44 -26.19
N ARG A 368 -7.64 28.55 -24.88
CA ARG A 368 -7.08 27.48 -24.04
C ARG A 368 -8.12 26.93 -23.08
N ALA A 369 -8.20 25.60 -23.02
CA ALA A 369 -9.20 24.87 -22.24
C ALA A 369 -8.46 23.93 -21.30
N ILE A 370 -9.14 23.42 -20.26
CA ILE A 370 -8.51 22.45 -19.35
C ILE A 370 -9.33 21.15 -19.25
N ILE A 371 -8.64 20.05 -19.50
CA ILE A 371 -9.24 18.72 -19.49
C ILE A 371 -9.12 18.09 -18.13
N TRP A 372 -10.18 17.40 -17.71
CA TRP A 372 -10.15 16.55 -16.52
C TRP A 372 -10.17 15.10 -16.94
N ARG A 373 -9.27 14.31 -16.34
CA ARG A 373 -9.09 12.94 -16.72
C ARG A 373 -9.12 12.14 -15.46
N ARG A 374 -9.62 10.92 -15.56
CA ARG A 374 -9.50 9.96 -14.49
C ARG A 374 -9.03 8.69 -15.18
N PHE A 375 -8.08 8.01 -14.56
CA PHE A 375 -7.61 6.72 -15.09
C PHE A 375 -7.06 5.99 -13.90
N ASN A 376 -7.09 4.66 -13.92
CA ASN A 376 -6.46 3.94 -12.84
C ASN A 376 -5.07 3.47 -13.25
N LEU A 377 -4.38 2.85 -12.30
CA LEU A 377 -3.01 2.37 -12.56
C LEU A 377 -3.02 1.30 -13.63
N SER A 378 -4.03 0.43 -13.57
CA SER A 378 -4.22 -0.57 -14.61
C SER A 378 -4.22 0.02 -16.02
N TRP A 379 -4.96 1.11 -16.21
CA TRP A 379 -4.94 1.80 -17.49
C TRP A 379 -3.52 2.18 -17.88
N ILE A 380 -2.75 2.74 -16.96
CA ILE A 380 -1.38 3.14 -17.27
C ILE A 380 -0.55 1.93 -17.71
N LEU A 381 -0.66 0.86 -16.94
CA LEU A 381 0.19 -0.33 -17.08
C LEU A 381 -0.13 -1.21 -18.29
N ASN A 382 -1.34 -1.09 -18.81
CA ASN A 382 -1.77 -1.85 -19.96
C ASN A 382 -1.65 -1.05 -21.27
N GLY A 383 -0.84 0.00 -21.24
CA GLY A 383 -0.56 0.79 -22.45
C GLY A 383 0.28 0.02 -23.46
N PRO A 384 0.21 0.42 -24.74
CA PRO A 384 0.83 -0.35 -25.82
C PRO A 384 2.35 -0.21 -25.89
N ASN A 385 2.88 0.74 -25.11
CA ASN A 385 4.27 1.14 -25.21
C ASN A 385 5.09 0.79 -23.97
N ASN A 386 4.53 0.01 -23.05
CA ASN A 386 5.32 -0.42 -21.91
C ASN A 386 6.20 -1.62 -22.26
N ASP B 3 -13.57 -1.90 -3.10
CA ASP B 3 -12.18 -2.46 -3.17
C ASP B 3 -11.72 -2.56 -4.63
N PRO B 4 -10.62 -1.86 -4.96
CA PRO B 4 -10.03 -1.81 -6.30
C PRO B 4 -9.62 -3.19 -6.82
N ALA B 5 -9.33 -4.11 -5.90
CA ALA B 5 -8.91 -5.46 -6.26
C ALA B 5 -10.03 -6.31 -6.86
N LYS B 6 -11.29 -5.91 -6.61
CA LYS B 6 -12.46 -6.65 -7.05
C LYS B 6 -12.61 -6.83 -8.55
N SER B 7 -12.15 -5.86 -9.33
CA SER B 7 -12.36 -5.89 -10.79
C SER B 7 -11.41 -6.82 -11.56
N ALA B 8 -10.36 -7.32 -10.92
CA ALA B 8 -9.51 -8.34 -11.53
C ALA B 8 -10.33 -9.63 -11.77
N ALA B 9 -9.97 -10.38 -12.78
CA ALA B 9 -10.58 -11.69 -12.97
C ALA B 9 -10.28 -12.52 -11.72
N PRO B 10 -11.32 -13.14 -11.15
CA PRO B 10 -11.07 -14.01 -9.99
C PRO B 10 -10.08 -15.10 -10.38
N TYR B 11 -9.14 -15.38 -9.47
CA TYR B 11 -8.12 -16.38 -9.67
C TYR B 11 -8.14 -17.32 -8.48
N HIS B 12 -8.16 -18.63 -8.76
CA HIS B 12 -7.93 -19.61 -7.71
C HIS B 12 -7.21 -20.82 -8.25
N ASP B 13 -6.40 -21.40 -7.39
CA ASP B 13 -5.48 -22.45 -7.74
C ASP B 13 -5.46 -23.37 -6.51
N GLU B 14 -5.66 -24.67 -6.67
CA GLU B 14 -5.62 -25.56 -5.48
C GLU B 14 -5.19 -26.99 -5.79
N PHE B 15 -4.32 -27.54 -4.94
CA PHE B 15 -3.85 -28.93 -5.09
C PHE B 15 -3.26 -29.47 -3.78
N PRO B 16 -3.22 -30.81 -3.62
CA PRO B 16 -2.57 -31.39 -2.43
C PRO B 16 -1.08 -31.08 -2.46
N LEU B 17 -0.55 -30.60 -1.34
CA LEU B 17 0.88 -30.33 -1.24
C LEU B 17 1.60 -31.35 -0.36
N PHE B 18 0.87 -31.86 0.63
CA PHE B 18 1.41 -32.88 1.52
C PHE B 18 0.48 -34.07 1.41
N ARG B 19 0.95 -35.10 0.70
CA ARG B 19 0.13 -36.26 0.32
C ARG B 19 0.36 -37.39 1.31
N SER B 20 -0.70 -37.73 2.03
CA SER B 20 -0.66 -38.77 3.06
C SER B 20 -0.46 -40.18 2.46
N ALA B 21 -0.08 -41.12 3.33
CA ALA B 21 0.37 -42.46 2.90
C ALA B 21 -0.60 -43.23 2.00
N ASN B 22 -1.89 -42.88 2.10
CA ASN B 22 -2.94 -43.59 1.36
C ASN B 22 -3.06 -43.10 -0.07
N MET B 23 -2.52 -41.92 -0.33
CA MET B 23 -2.67 -41.29 -1.62
C MET B 23 -1.64 -41.87 -2.60
N ALA B 24 -2.00 -41.91 -3.88
CA ALA B 24 -1.02 -42.25 -4.92
C ALA B 24 0.11 -41.20 -4.90
N SER B 25 1.35 -41.64 -5.13
CA SER B 25 2.52 -40.75 -5.01
C SER B 25 2.59 -40.05 -3.64
N PRO B 26 2.50 -40.81 -2.52
CA PRO B 26 2.57 -40.19 -1.19
C PRO B 26 3.90 -39.50 -0.95
N ASP B 27 3.87 -38.42 -0.17
CA ASP B 27 5.05 -37.66 0.11
C ASP B 27 5.97 -38.42 1.07
N LYS B 28 7.20 -38.63 0.63
CA LYS B 28 8.20 -39.34 1.43
C LYS B 28 9.45 -38.51 1.41
N LEU B 29 10.31 -38.68 2.41
CA LEU B 29 11.67 -38.11 2.35
C LEU B 29 12.55 -38.90 1.36
N SER B 30 13.66 -38.30 0.95
CA SER B 30 14.61 -38.94 0.02
C SER B 30 15.09 -40.29 0.55
N THR B 31 15.04 -40.46 1.87
CA THR B 31 15.47 -41.69 2.53
C THR B 31 14.42 -42.80 2.42
N GLY B 32 13.25 -42.43 1.90
CA GLY B 32 12.16 -43.37 1.66
C GLY B 32 11.22 -43.44 2.84
N ILE B 33 11.56 -42.74 3.92
CA ILE B 33 10.67 -42.61 5.07
C ILE B 33 9.42 -41.78 4.73
N GLY B 34 8.25 -42.38 4.97
CA GLY B 34 6.97 -41.78 4.64
C GLY B 34 6.17 -41.51 5.91
N PHE B 35 4.97 -40.96 5.74
CA PHE B 35 4.13 -40.60 6.89
C PHE B 35 2.67 -40.90 6.60
N HIS B 36 2.02 -41.44 7.62
CA HIS B 36 0.60 -41.70 7.62
C HIS B 36 -0.14 -40.38 7.35
N SER B 37 0.25 -39.33 8.05
CA SER B 37 -0.52 -38.09 8.04
C SER B 37 0.40 -36.89 8.09
N PHE B 38 -0.07 -35.82 7.46
CA PHE B 38 0.54 -34.51 7.59
C PHE B 38 -0.46 -33.55 8.21
N ARG B 39 -0.05 -32.92 9.31
CA ARG B 39 -0.91 -32.00 10.02
C ARG B 39 -0.13 -30.73 10.45
N ILE B 40 -0.88 -29.72 10.89
CA ILE B 40 -0.29 -28.54 11.55
C ILE B 40 0.59 -27.73 10.58
N PRO B 41 -0.04 -27.13 9.55
CA PRO B 41 0.72 -26.40 8.52
C PRO B 41 1.27 -25.05 9.02
N ALA B 42 2.34 -24.60 8.36
CA ALA B 42 2.81 -23.22 8.48
C ALA B 42 3.44 -22.83 7.15
N VAL B 43 3.24 -21.57 6.74
CA VAL B 43 3.75 -21.13 5.43
C VAL B 43 4.27 -19.71 5.46
N VAL B 44 5.46 -19.49 4.87
CA VAL B 44 6.00 -18.13 4.76
C VAL B 44 6.62 -17.88 3.39
N ARG B 45 6.47 -16.66 2.89
CA ARG B 45 7.24 -16.20 1.76
C ARG B 45 8.48 -15.49 2.28
N THR B 46 9.64 -15.86 1.74
CA THR B 46 10.89 -15.25 2.17
C THR B 46 11.13 -13.90 1.48
N THR B 47 12.23 -13.24 1.82
CA THR B 47 12.57 -11.97 1.14
C THR B 47 12.90 -12.13 -0.36
N THR B 48 13.21 -13.35 -0.78
CA THR B 48 13.54 -13.65 -2.19
C THR B 48 12.30 -13.91 -3.04
N GLY B 49 11.18 -14.25 -2.40
CA GLY B 49 10.00 -14.69 -3.11
C GLY B 49 9.80 -16.20 -3.01
N ARG B 50 10.82 -16.90 -2.51
CA ARG B 50 10.67 -18.33 -2.28
C ARG B 50 9.59 -18.56 -1.23
N ILE B 51 8.80 -19.62 -1.41
CA ILE B 51 7.84 -20.05 -0.40
C ILE B 51 8.29 -21.32 0.35
N LEU B 52 8.17 -21.25 1.66
CA LEU B 52 8.52 -22.37 2.53
C LEU B 52 7.24 -22.88 3.16
N ALA B 53 6.96 -24.18 3.00
CA ALA B 53 5.78 -24.79 3.61
C ALA B 53 6.24 -25.84 4.62
N PHE B 54 5.74 -25.75 5.86
CA PHE B 54 6.13 -26.65 6.95
C PHE B 54 4.94 -27.47 7.43
N ALA B 55 5.23 -28.64 7.98
CA ALA B 55 4.15 -29.50 8.49
C ALA B 55 4.72 -30.44 9.52
N GLU B 56 3.83 -30.96 10.36
CA GLU B 56 4.14 -32.16 11.12
C GLU B 56 3.92 -33.39 10.26
N GLY B 57 5.02 -34.11 10.02
CA GLY B 57 4.95 -35.42 9.38
C GLY B 57 4.76 -36.46 10.48
N ARG B 58 3.56 -37.00 10.53
CA ARG B 58 3.14 -37.86 11.62
C ARG B 58 3.32 -39.30 11.12
N ARG B 59 4.40 -39.96 11.57
CA ARG B 59 4.84 -41.24 11.00
C ARG B 59 3.76 -42.34 10.82
N HIS B 60 3.07 -42.67 11.91
CA HIS B 60 2.30 -43.93 11.99
C HIS B 60 0.79 -43.80 12.15
N THR B 61 0.36 -42.68 12.71
CA THR B 61 -1.05 -42.43 12.95
C THR B 61 -1.26 -40.94 12.78
N ASN B 62 -2.49 -40.49 12.95
CA ASN B 62 -2.80 -39.07 12.93
C ASN B 62 -2.75 -38.43 14.32
N GLN B 63 -2.35 -39.19 15.33
CA GLN B 63 -2.35 -38.68 16.71
C GLN B 63 -1.27 -37.62 16.92
N ASP B 64 -1.49 -36.76 17.92
CA ASP B 64 -0.63 -35.63 18.23
C ASP B 64 0.67 -36.01 18.91
N PHE B 65 0.77 -37.26 19.35
CA PHE B 65 1.95 -37.74 20.09
C PHE B 65 2.58 -38.90 19.33
N GLY B 66 3.75 -39.34 19.80
CA GLY B 66 4.52 -40.40 19.16
C GLY B 66 5.53 -39.82 18.21
N ASP B 67 6.06 -40.67 17.35
CA ASP B 67 7.09 -40.29 16.41
C ASP B 67 6.53 -39.34 15.35
N ILE B 68 6.88 -38.06 15.51
CA ILE B 68 6.49 -36.99 14.58
C ILE B 68 7.73 -36.18 14.24
N ASN B 69 7.94 -35.99 12.93
CA ASN B 69 9.02 -35.16 12.44
C ASN B 69 8.49 -33.84 11.84
N LEU B 70 9.31 -32.80 11.86
CA LEU B 70 8.93 -31.53 11.26
C LEU B 70 9.49 -31.52 9.86
N VAL B 71 8.58 -31.57 8.89
CA VAL B 71 8.92 -31.71 7.48
C VAL B 71 8.68 -30.40 6.73
N TYR B 72 9.18 -30.29 5.51
CA TYR B 72 8.95 -29.07 4.74
C TYR B 72 9.17 -29.24 3.25
N LYS B 73 8.66 -28.28 2.50
CA LYS B 73 8.95 -28.15 1.08
C LYS B 73 9.23 -26.69 0.75
N ARG B 74 10.08 -26.45 -0.23
CA ARG B 74 10.24 -25.11 -0.77
C ARG B 74 9.76 -25.09 -2.23
N THR B 75 9.40 -23.91 -2.73
CA THR B 75 9.29 -23.72 -4.17
C THR B 75 10.69 -23.90 -4.78
N LYS B 76 10.77 -24.55 -5.94
CA LYS B 76 12.05 -24.83 -6.62
C LYS B 76 12.79 -23.54 -6.91
N THR B 77 12.04 -22.48 -7.21
CA THR B 77 12.64 -21.18 -7.48
C THR B 77 12.04 -20.09 -6.59
N THR B 78 12.68 -18.90 -6.61
CA THR B 78 12.14 -17.73 -5.89
C THR B 78 11.00 -17.02 -6.64
N ALA B 79 10.79 -17.42 -7.90
CA ALA B 79 9.88 -16.73 -8.81
C ALA B 79 8.60 -17.49 -9.23
N ASN B 80 8.59 -18.81 -9.07
CA ASN B 80 7.47 -19.61 -9.57
C ASN B 80 6.18 -19.51 -8.74
N ASN B 81 6.30 -19.02 -7.50
CA ASN B 81 5.15 -18.73 -6.63
C ASN B 81 4.31 -19.96 -6.27
N GLY B 82 4.91 -21.14 -6.40
CA GLY B 82 4.21 -22.40 -6.11
C GLY B 82 2.92 -22.62 -6.89
N ALA B 83 2.85 -22.08 -8.11
CA ALA B 83 1.59 -22.11 -8.89
C ALA B 83 1.12 -23.54 -9.29
N SER B 84 2.07 -24.42 -9.61
CA SER B 84 1.78 -25.83 -9.96
C SER B 84 2.42 -26.82 -8.97
N PRO B 85 1.92 -28.07 -8.95
CA PRO B 85 2.57 -29.07 -8.12
C PRO B 85 4.04 -29.21 -8.48
N SER B 86 4.36 -29.13 -9.78
CA SER B 86 5.74 -29.26 -10.25
C SER B 86 6.65 -28.12 -9.79
N ASP B 87 6.07 -27.00 -9.36
CA ASP B 87 6.84 -25.85 -8.85
C ASP B 87 7.45 -26.07 -7.46
N TRP B 88 7.04 -27.17 -6.82
CA TRP B 88 7.48 -27.48 -5.46
C TRP B 88 8.53 -28.60 -5.45
N GLU B 89 9.57 -28.36 -4.66
CA GLU B 89 10.58 -29.34 -4.33
C GLU B 89 9.98 -30.54 -3.63
N PRO B 90 10.65 -31.72 -3.72
CA PRO B 90 10.25 -32.91 -2.97
C PRO B 90 10.32 -32.65 -1.46
N LEU B 91 9.67 -33.50 -0.68
CA LEU B 91 9.61 -33.34 0.77
C LEU B 91 11.00 -33.39 1.42
N ARG B 92 11.25 -32.51 2.39
CA ARG B 92 12.48 -32.49 3.17
C ARG B 92 12.19 -32.48 4.66
N GLU B 93 13.23 -32.65 5.47
CA GLU B 93 13.05 -32.69 6.91
C GLU B 93 13.85 -31.56 7.58
N VAL B 94 13.19 -30.75 8.41
CA VAL B 94 13.89 -29.79 9.27
C VAL B 94 14.55 -30.53 10.45
N VAL B 95 13.74 -31.29 11.19
CA VAL B 95 14.22 -32.07 12.34
C VAL B 95 13.33 -33.29 12.53
N GLY B 96 13.96 -34.43 12.82
CA GLY B 96 13.23 -35.68 13.02
C GLY B 96 13.86 -36.60 14.05
N SER B 97 14.96 -36.13 14.65
CA SER B 97 15.72 -36.94 15.60
C SER B 97 14.85 -37.54 16.71
N GLY B 98 15.05 -38.83 16.97
CA GLY B 98 14.42 -39.51 18.08
C GLY B 98 13.01 -39.95 17.72
N ALA B 99 12.35 -40.59 18.69
CA ALA B 99 10.98 -41.09 18.48
C ALA B 99 9.94 -40.19 19.14
N GLY B 100 10.39 -39.06 19.68
CA GLY B 100 9.46 -38.05 20.22
C GLY B 100 8.79 -37.22 19.14
N THR B 101 8.12 -36.15 19.57
CA THR B 101 7.32 -35.29 18.72
C THR B 101 8.02 -33.97 18.50
N TRP B 102 8.35 -33.65 17.24
CA TRP B 102 8.81 -32.33 16.82
C TRP B 102 7.66 -31.68 16.05
N GLY B 103 7.14 -30.56 16.55
CA GLY B 103 5.92 -29.98 15.95
C GLY B 103 5.62 -28.51 16.21
N ASN B 104 4.37 -28.12 15.98
CA ASN B 104 3.93 -26.73 16.11
C ASN B 104 4.81 -25.75 15.31
N PRO B 105 5.01 -26.00 13.99
CA PRO B 105 5.87 -25.08 13.25
C PRO B 105 5.35 -23.64 13.35
N THR B 106 6.22 -22.73 13.77
CA THR B 106 5.84 -21.33 13.87
C THR B 106 6.95 -20.43 13.34
N PRO B 107 7.00 -20.25 12.00
CA PRO B 107 8.11 -19.51 11.40
C PRO B 107 7.87 -18.00 11.32
N VAL B 108 8.96 -17.26 11.22
CA VAL B 108 8.92 -15.83 10.94
C VAL B 108 10.19 -15.47 10.16
N VAL B 109 9.99 -14.70 9.09
CA VAL B 109 11.10 -14.30 8.20
C VAL B 109 11.62 -12.94 8.67
N ASP B 110 12.91 -12.87 8.96
CA ASP B 110 13.52 -11.62 9.46
C ASP B 110 14.09 -10.77 8.31
N ASP B 111 14.48 -9.52 8.62
CA ASP B 111 14.83 -8.51 7.63
C ASP B 111 16.00 -8.95 6.73
N ASP B 112 16.94 -9.69 7.32
CA ASP B 112 18.14 -10.18 6.63
C ASP B 112 17.89 -11.48 5.87
N ASN B 113 16.61 -11.89 5.81
CA ASN B 113 16.17 -13.22 5.33
C ASN B 113 16.60 -14.44 6.17
N THR B 114 17.04 -14.24 7.40
CA THR B 114 17.10 -15.35 8.34
C THR B 114 15.65 -15.80 8.53
N ILE B 115 15.38 -17.08 8.31
CA ILE B 115 14.04 -17.61 8.61
C ILE B 115 14.13 -18.31 9.97
N TYR B 116 13.42 -17.76 10.95
CA TYR B 116 13.37 -18.38 12.27
C TYR B 116 12.19 -19.32 12.29
N LEU B 117 12.35 -20.45 12.98
CA LEU B 117 11.30 -21.44 13.08
C LEU B 117 11.21 -21.90 14.53
N PHE B 118 10.21 -21.40 15.24
CA PHE B 118 9.94 -21.93 16.57
C PHE B 118 9.17 -23.25 16.49
N LEU B 119 9.39 -24.11 17.48
CA LEU B 119 8.89 -25.49 17.50
C LEU B 119 8.60 -25.93 18.93
N SER B 120 7.59 -26.77 19.08
CA SER B 120 7.34 -27.48 20.32
C SER B 120 7.92 -28.90 20.26
N TRP B 121 8.31 -29.44 21.41
CA TRP B 121 8.74 -30.83 21.47
C TRP B 121 8.18 -31.52 22.70
N ASN B 122 7.85 -32.81 22.58
CA ASN B 122 7.71 -33.69 23.74
C ASN B 122 8.41 -35.05 23.55
N GLY B 123 8.64 -35.74 24.66
CA GLY B 123 9.34 -37.02 24.65
C GLY B 123 8.57 -38.12 23.96
N ALA B 124 9.30 -39.17 23.56
CA ALA B 124 8.72 -40.33 22.88
C ALA B 124 7.63 -41.05 23.70
N THR B 125 7.81 -41.05 25.02
CA THR B 125 6.92 -41.79 25.93
C THR B 125 5.84 -40.92 26.58
N TYR B 126 5.69 -39.69 26.10
CA TYR B 126 4.75 -38.73 26.69
C TYR B 126 3.69 -38.24 25.71
N SER B 127 2.52 -37.90 26.25
CA SER B 127 1.41 -37.36 25.47
C SER B 127 0.55 -36.49 26.39
N GLN B 128 -0.22 -35.59 25.78
CA GLN B 128 -0.99 -34.59 26.54
C GLN B 128 -1.86 -35.20 27.63
N ASN B 129 -2.59 -36.25 27.29
CA ASN B 129 -3.53 -36.85 28.23
C ASN B 129 -2.90 -37.93 29.08
N GLY B 130 -1.90 -38.60 28.52
CA GLY B 130 -1.29 -39.77 29.15
C GLY B 130 -2.13 -41.01 28.96
N LYS B 131 -1.51 -42.17 29.22
CA LYS B 131 -2.18 -43.47 29.12
C LYS B 131 -2.68 -43.78 27.70
N ASP B 132 -2.04 -43.13 26.72
CA ASP B 132 -2.29 -43.43 25.30
C ASP B 132 -1.37 -44.61 24.91
N VAL B 133 -1.86 -45.49 24.06
CA VAL B 133 -1.09 -46.63 23.59
C VAL B 133 -0.39 -46.28 22.26
N LEU B 134 0.94 -46.45 22.23
CA LEU B 134 1.73 -46.21 21.03
C LEU B 134 1.65 -47.41 20.08
N PRO B 135 2.14 -47.27 18.82
CA PRO B 135 2.04 -48.40 17.89
C PRO B 135 2.72 -49.68 18.38
N ASP B 136 3.75 -49.54 19.21
CA ASP B 136 4.50 -50.70 19.70
C ASP B 136 3.92 -51.28 20.99
N GLY B 137 2.81 -50.71 21.45
CA GLY B 137 2.10 -51.21 22.62
C GLY B 137 2.43 -50.51 23.93
N THR B 138 3.50 -49.73 23.93
CA THR B 138 3.92 -48.97 25.11
C THR B 138 2.87 -47.90 25.45
N VAL B 139 2.69 -47.67 26.73
CA VAL B 139 1.67 -46.77 27.23
C VAL B 139 2.40 -45.50 27.62
N THR B 140 1.90 -44.37 27.13
CA THR B 140 2.49 -43.07 27.42
C THR B 140 2.24 -42.60 28.85
N LYS B 141 3.17 -41.81 29.38
CA LYS B 141 2.93 -41.07 30.61
C LYS B 141 2.31 -39.73 30.26
N LYS B 142 1.62 -39.12 31.19
CA LYS B 142 1.01 -37.81 30.91
C LYS B 142 2.08 -36.73 30.98
N ILE B 143 2.05 -35.80 30.03
CA ILE B 143 2.97 -34.65 30.04
C ILE B 143 2.89 -33.93 31.40
N ASP B 144 4.04 -33.64 32.00
CA ASP B 144 4.13 -33.10 33.36
C ASP B 144 5.21 -32.02 33.49
N SER B 145 5.44 -31.55 34.71
CA SER B 145 6.33 -30.41 34.92
C SER B 145 7.81 -30.81 35.05
N THR B 146 8.11 -32.09 34.85
CA THR B 146 9.50 -32.56 34.87
C THR B 146 10.21 -32.13 33.61
N TRP B 147 11.55 -32.10 33.65
CA TRP B 147 12.30 -31.68 32.49
C TRP B 147 12.04 -32.67 31.36
N GLU B 148 12.08 -33.96 31.70
CA GLU B 148 11.89 -35.04 30.73
CA GLU B 148 11.90 -35.01 30.70
C GLU B 148 10.44 -35.12 30.22
N GLY B 149 9.50 -34.72 31.07
CA GLY B 149 8.07 -34.88 30.78
C GLY B 149 7.31 -33.65 30.32
N ARG B 150 7.99 -32.50 30.27
CA ARG B 150 7.33 -31.28 29.84
C ARG B 150 7.40 -31.09 28.34
N ARG B 151 6.59 -30.16 27.85
CA ARG B 151 6.69 -29.73 26.47
C ARG B 151 7.78 -28.65 26.41
N HIS B 152 8.67 -28.77 25.41
CA HIS B 152 9.81 -27.90 25.24
C HIS B 152 9.60 -26.92 24.08
N LEU B 153 10.34 -25.81 24.12
CA LEU B 153 10.32 -24.79 23.09
C LEU B 153 11.71 -24.76 22.44
N TYR B 154 11.74 -25.10 21.16
CA TYR B 154 12.97 -25.11 20.37
C TYR B 154 12.98 -24.03 19.30
N LEU B 155 14.19 -23.58 18.95
CA LEU B 155 14.35 -22.64 17.85
C LEU B 155 15.43 -23.13 16.88
N THR B 156 15.08 -23.11 15.60
CA THR B 156 16.02 -23.40 14.52
C THR B 156 15.87 -22.28 13.50
N GLU B 157 16.89 -22.06 12.69
CA GLU B 157 16.80 -21.04 11.67
C GLU B 157 17.57 -21.44 10.41
N SER B 158 17.26 -20.74 9.32
CA SER B 158 17.91 -20.98 8.01
C SER B 158 18.51 -19.68 7.53
N ARG B 159 19.76 -19.77 7.05
CA ARG B 159 20.47 -18.60 6.52
C ARG B 159 20.54 -18.68 4.99
N ASP B 160 19.99 -19.75 4.42
CA ASP B 160 20.08 -19.92 2.98
C ASP B 160 18.70 -20.13 2.35
N ASP B 161 17.77 -19.22 2.63
CA ASP B 161 16.46 -19.26 1.98
C ASP B 161 15.75 -20.60 2.14
N GLY B 162 15.96 -21.25 3.29
CA GLY B 162 15.27 -22.49 3.60
C GLY B 162 15.97 -23.75 3.19
N ASN B 163 17.10 -23.62 2.48
CA ASN B 163 17.81 -24.79 1.99
C ASN B 163 18.28 -25.76 3.08
N THR B 164 18.92 -25.22 4.13
CA THR B 164 19.33 -26.01 5.30
C THR B 164 18.88 -25.33 6.59
N TRP B 165 18.86 -26.11 7.67
CA TRP B 165 18.43 -25.62 8.99
C TRP B 165 19.42 -26.03 10.08
N SER B 166 19.61 -25.14 11.06
CA SER B 166 20.58 -25.38 12.14
C SER B 166 20.02 -26.43 13.12
N LYS B 167 20.89 -27.03 13.93
CA LYS B 167 20.42 -27.94 14.96
C LYS B 167 19.52 -27.11 15.87
N PRO B 168 18.25 -27.55 16.10
CA PRO B 168 17.33 -26.81 16.97
C PRO B 168 17.89 -26.62 18.36
N VAL B 169 17.70 -25.44 18.94
CA VAL B 169 18.28 -25.13 20.22
C VAL B 169 17.14 -25.01 21.22
N ASP B 170 17.28 -25.70 22.35
CA ASP B 170 16.25 -25.71 23.39
C ASP B 170 16.22 -24.39 24.19
N LEU B 171 15.12 -23.63 24.07
CA LEU B 171 14.94 -22.33 24.75
C LEU B 171 13.87 -22.32 25.86
N THR B 172 13.46 -23.53 26.29
CA THR B 172 12.43 -23.71 27.30
C THR B 172 12.69 -22.94 28.58
N LYS B 173 13.93 -22.99 29.10
CA LYS B 173 14.25 -22.27 30.35
C LYS B 173 14.17 -20.74 30.21
N GLU B 174 14.47 -20.26 29.01
CA GLU B 174 14.48 -18.83 28.72
C GLU B 174 13.08 -18.34 28.43
N LEU B 175 12.33 -19.12 27.66
CA LEU B 175 11.08 -18.62 27.08
C LEU B 175 9.81 -19.40 27.42
N THR B 176 9.87 -20.35 28.34
CA THR B 176 8.66 -20.96 28.89
C THR B 176 8.66 -20.70 30.38
N PRO B 177 7.52 -20.29 30.94
CA PRO B 177 7.46 -20.11 32.40
C PRO B 177 7.76 -21.39 33.16
N ASP B 178 8.48 -21.23 34.26
CA ASP B 178 8.76 -22.32 35.18
C ASP B 178 7.51 -23.05 35.68
N GLY B 179 7.66 -24.34 35.90
CA GLY B 179 6.57 -25.15 36.41
C GLY B 179 5.52 -25.59 35.40
N TRP B 180 5.65 -25.14 34.14
CA TRP B 180 4.72 -25.52 33.06
C TRP B 180 4.89 -26.98 32.67
N ALA B 181 3.82 -27.57 32.16
CA ALA B 181 3.84 -28.93 31.64
C ALA B 181 3.49 -28.88 30.15
N TRP B 182 2.21 -28.91 29.79
CA TRP B 182 1.85 -28.60 28.40
C TRP B 182 2.31 -27.22 27.99
N ASP B 183 2.69 -27.10 26.72
CA ASP B 183 3.01 -25.82 26.10
C ASP B 183 2.80 -25.93 24.59
N ALA B 184 2.69 -24.78 23.93
CA ALA B 184 2.53 -24.77 22.49
C ALA B 184 3.08 -23.46 21.95
N VAL B 185 3.73 -23.52 20.82
CA VAL B 185 4.02 -22.27 20.10
C VAL B 185 3.09 -22.22 18.86
N GLY B 186 2.61 -21.03 18.50
CA GLY B 186 1.66 -20.94 17.38
C GLY B 186 0.63 -22.05 17.50
N PRO B 187 0.48 -22.91 16.47
CA PRO B 187 1.24 -23.00 15.23
C PRO B 187 0.75 -22.03 14.12
N GLY B 188 1.62 -21.76 13.14
CA GLY B 188 1.24 -20.94 12.01
C GLY B 188 2.33 -19.98 11.60
N ASN B 189 2.45 -18.86 12.32
CA ASN B 189 3.45 -17.86 11.96
C ASN B 189 3.60 -16.79 12.99
N GLY B 190 4.80 -16.22 13.01
CA GLY B 190 5.08 -14.98 13.74
C GLY B 190 5.12 -13.82 12.78
N ILE B 191 5.26 -12.61 13.32
CA ILE B 191 5.21 -11.41 12.50
C ILE B 191 6.43 -10.51 12.75
N ARG B 192 6.63 -9.58 11.82
CA ARG B 192 7.63 -8.51 11.97
C ARG B 192 6.88 -7.18 11.95
N LEU B 193 7.01 -6.41 13.03
CA LEU B 193 6.28 -5.15 13.16
C LEU B 193 6.90 -4.03 12.31
N THR B 194 6.08 -3.05 11.95
CA THR B 194 6.53 -1.82 11.31
C THR B 194 7.71 -1.16 12.07
N THR B 195 7.67 -1.25 13.40
CA THR B 195 8.70 -0.65 14.25
C THR B 195 9.92 -1.56 14.43
N GLY B 196 9.88 -2.73 13.78
CA GLY B 196 11.05 -3.58 13.60
C GLY B 196 11.13 -4.85 14.42
N GLU B 197 10.31 -4.99 15.45
CA GLU B 197 10.37 -6.17 16.32
C GLU B 197 9.76 -7.40 15.66
N LEU B 198 10.10 -8.58 16.18
CA LEU B 198 9.41 -9.83 15.83
C LEU B 198 8.50 -10.21 16.99
N VAL B 199 7.32 -10.72 16.66
CA VAL B 199 6.37 -11.21 17.66
C VAL B 199 5.93 -12.61 17.24
N ILE B 200 6.05 -13.57 18.15
CA ILE B 200 5.68 -14.95 17.87
C ILE B 200 4.62 -15.39 18.90
N PRO B 201 3.39 -15.72 18.43
CA PRO B 201 2.35 -16.03 19.42
C PRO B 201 2.58 -17.41 20.02
N ALA B 202 2.37 -17.53 21.33
CA ALA B 202 2.47 -18.83 21.99
C ALA B 202 1.39 -18.98 23.04
N MET B 203 1.39 -20.13 23.70
CA MET B 203 0.49 -20.39 24.81
C MET B 203 0.66 -19.38 25.94
N GLY B 204 -0.41 -18.63 26.19
CA GLY B 204 -0.45 -17.69 27.31
C GLY B 204 0.56 -16.55 27.25
N ARG B 205 1.15 -16.33 26.09
CA ARG B 205 2.25 -15.36 25.94
C ARG B 205 2.61 -15.07 24.49
N ASN B 206 3.18 -13.89 24.28
CA ASN B 206 3.90 -13.60 23.04
C ASN B 206 5.39 -13.75 23.29
N ILE B 207 6.15 -14.03 22.24
CA ILE B 207 7.60 -14.08 22.30
C ILE B 207 8.09 -12.92 21.45
N ILE B 208 8.88 -12.03 22.04
CA ILE B 208 9.30 -10.82 21.34
C ILE B 208 10.77 -10.90 20.98
N GLY B 209 11.05 -10.68 19.70
CA GLY B 209 12.42 -10.57 19.22
C GLY B 209 12.82 -9.13 18.99
N ARG B 210 13.94 -8.71 19.57
CA ARG B 210 14.46 -7.35 19.41
C ARG B 210 15.92 -7.36 18.96
N GLY B 211 16.33 -6.28 18.32
CA GLY B 211 17.72 -6.12 17.94
C GLY B 211 17.99 -6.45 16.49
N ALA B 212 19.24 -6.80 16.19
CA ALA B 212 19.65 -7.03 14.80
C ALA B 212 18.96 -8.23 14.16
N PRO B 213 18.44 -8.04 12.94
CA PRO B 213 17.73 -9.11 12.20
C PRO B 213 18.56 -10.40 12.11
N GLY B 214 17.94 -11.53 12.43
CA GLY B 214 18.65 -12.82 12.39
C GLY B 214 19.65 -13.04 13.52
N ASN B 215 19.78 -12.05 14.42
CA ASN B 215 20.53 -12.20 15.69
C ASN B 215 19.74 -11.55 16.84
N ARG B 216 18.43 -11.78 16.84
CA ARG B 216 17.53 -11.26 17.85
C ARG B 216 17.82 -11.78 19.26
N THR B 217 17.52 -10.95 20.24
CA THR B 217 17.37 -11.40 21.61
C THR B 217 15.87 -11.54 21.91
N TRP B 218 15.54 -12.53 22.72
CA TRP B 218 14.15 -12.86 22.98
C TRP B 218 13.74 -12.55 24.41
N SER B 219 12.46 -12.20 24.58
CA SER B 219 11.85 -12.02 25.90
C SER B 219 10.39 -12.46 25.79
N VAL B 220 9.76 -12.63 26.95
CA VAL B 220 8.40 -13.15 27.02
C VAL B 220 7.48 -12.02 27.45
N GLN B 221 6.43 -11.78 26.66
CA GLN B 221 5.29 -10.95 27.05
C GLN B 221 4.15 -11.84 27.53
N ARG B 222 3.95 -11.93 28.83
CA ARG B 222 2.86 -12.73 29.36
C ARG B 222 1.51 -12.07 29.03
N LEU B 223 0.53 -12.92 28.71
CA LEU B 223 -0.82 -12.44 28.37
C LEU B 223 -1.89 -13.14 29.22
N SER B 224 -2.68 -12.37 29.96
CA SER B 224 -3.73 -12.96 30.80
C SER B 224 -4.94 -13.38 29.95
N GLY B 225 -5.35 -14.64 30.08
CA GLY B 225 -6.52 -15.15 29.38
C GLY B 225 -6.28 -15.52 27.91
N ALA B 226 -5.01 -15.51 27.50
CA ALA B 226 -4.65 -15.99 26.15
C ALA B 226 -4.90 -17.47 26.01
N GLY B 227 -5.12 -17.94 24.78
CA GLY B 227 -5.26 -19.38 24.56
C GLY B 227 -3.93 -20.15 24.46
N ALA B 228 -4.04 -21.44 24.17
CA ALA B 228 -2.88 -22.28 23.94
C ALA B 228 -2.37 -22.06 22.52
N GLU B 229 -3.31 -21.92 21.57
CA GLU B 229 -2.94 -21.70 20.16
C GLU B 229 -3.36 -20.34 19.67
N GLY B 230 -2.39 -19.43 19.60
CA GLY B 230 -2.65 -18.05 19.27
C GLY B 230 -2.23 -17.71 17.85
N THR B 231 -2.81 -16.62 17.35
CA THR B 231 -2.34 -15.98 16.11
C THR B 231 -2.13 -14.50 16.43
N ILE B 232 -1.25 -13.85 15.69
CA ILE B 232 -0.90 -12.47 15.96
C ILE B 232 -0.87 -11.73 14.63
N VAL B 233 -1.37 -10.49 14.64
CA VAL B 233 -1.23 -9.61 13.51
C VAL B 233 -1.10 -8.16 14.01
N GLN B 234 -0.42 -7.34 13.22
CA GLN B 234 -0.37 -5.89 13.41
C GLN B 234 -1.50 -5.29 12.57
N THR B 235 -2.46 -4.69 13.25
CA THR B 235 -3.62 -4.11 12.58
C THR B 235 -3.24 -2.80 11.92
N PRO B 236 -4.08 -2.29 11.00
CA PRO B 236 -3.63 -1.07 10.31
C PRO B 236 -3.34 0.10 11.27
N ASP B 237 -4.03 0.16 12.42
CA ASP B 237 -3.75 1.20 13.42
C ASP B 237 -2.36 1.13 14.06
N GLY B 238 -1.59 0.09 13.71
CA GLY B 238 -0.24 -0.12 14.25
C GLY B 238 -0.21 -0.95 15.53
N LYS B 239 -1.40 -1.29 16.05
CA LYS B 239 -1.48 -2.03 17.31
C LYS B 239 -1.43 -3.54 17.06
N LEU B 240 -1.30 -4.29 18.15
CA LEU B 240 -1.24 -5.75 18.08
C LEU B 240 -2.61 -6.32 18.35
N TYR B 241 -2.84 -7.50 17.76
CA TYR B 241 -4.12 -8.16 17.75
C TYR B 241 -3.85 -9.66 17.92
N ARG B 242 -4.33 -10.22 19.03
CA ARG B 242 -4.29 -11.67 19.28
C ARG B 242 -5.62 -12.34 18.99
N ASN B 243 -5.59 -13.33 18.12
CA ASN B 243 -6.83 -14.00 17.76
C ASN B 243 -6.62 -15.48 18.03
N ASP B 244 -7.24 -15.98 19.09
CA ASP B 244 -6.90 -17.28 19.67
C ASP B 244 -7.99 -18.32 19.58
N ARG B 245 -7.59 -19.57 19.41
CA ARG B 245 -8.48 -20.71 19.53
C ARG B 245 -9.11 -20.70 20.92
N PRO B 246 -10.47 -20.77 21.00
CA PRO B 246 -11.12 -20.84 22.30
C PRO B 246 -10.90 -22.18 23.01
N SER B 247 -10.92 -22.17 24.34
CA SER B 247 -10.86 -23.39 25.15
C SER B 247 -12.06 -24.31 24.92
N GLN B 248 -13.25 -23.73 24.69
CA GLN B 248 -14.41 -24.53 24.36
C GLN B 248 -14.98 -24.01 23.05
N LYS B 249 -15.62 -24.88 22.29
CA LYS B 249 -16.20 -24.52 20.99
C LYS B 249 -17.14 -23.32 21.08
N GLY B 250 -17.09 -22.45 20.09
CA GLY B 250 -17.94 -21.28 20.05
C GLY B 250 -17.41 -20.19 19.15
N TYR B 251 -16.46 -19.41 19.65
CA TYR B 251 -15.98 -18.21 18.96
C TYR B 251 -14.48 -18.01 19.18
N ARG B 252 -13.82 -17.37 18.20
CA ARG B 252 -12.43 -16.94 18.34
C ARG B 252 -12.38 -16.00 19.53
N MET B 253 -11.27 -16.05 20.26
CA MET B 253 -11.08 -15.20 21.43
C MET B 253 -10.10 -14.13 21.03
N VAL B 254 -10.50 -12.86 21.20
CA VAL B 254 -9.74 -11.75 20.66
C VAL B 254 -9.26 -10.79 21.74
N ALA B 255 -8.02 -10.30 21.57
CA ALA B 255 -7.47 -9.26 22.45
C ALA B 255 -6.58 -8.32 21.64
N ARG B 256 -6.54 -7.06 22.09
CA ARG B 256 -5.72 -6.04 21.42
C ARG B 256 -4.78 -5.36 22.41
N GLY B 257 -3.68 -4.80 21.89
CA GLY B 257 -2.66 -4.24 22.76
C GLY B 257 -1.45 -3.74 22.01
N THR B 258 -0.33 -3.64 22.74
CA THR B 258 0.97 -3.21 22.21
C THR B 258 2.07 -4.03 22.88
N LEU B 259 3.32 -3.69 22.62
CA LEU B 259 4.43 -4.35 23.32
C LEU B 259 4.46 -3.97 24.81
N GLU B 260 3.65 -2.98 25.20
CA GLU B 260 3.55 -2.56 26.61
C GLU B 260 2.43 -3.25 27.38
N GLY B 261 1.56 -3.96 26.66
CA GLY B 261 0.51 -4.74 27.32
C GLY B 261 -0.75 -4.90 26.52
N PHE B 262 -1.54 -5.91 26.88
CA PHE B 262 -2.82 -6.21 26.20
C PHE B 262 -4.02 -6.00 27.08
N GLY B 263 -5.18 -5.78 26.46
CA GLY B 263 -6.47 -5.82 27.16
C GLY B 263 -6.97 -7.25 27.25
N ALA B 264 -8.12 -7.45 27.91
CA ALA B 264 -8.66 -8.79 28.12
C ALA B 264 -9.08 -9.45 26.82
N PHE B 265 -9.01 -10.78 26.79
CA PHE B 265 -9.61 -11.55 25.69
C PHE B 265 -11.11 -11.63 25.85
N ALA B 266 -11.83 -11.40 24.76
CA ALA B 266 -13.28 -11.59 24.72
C ALA B 266 -13.65 -12.35 23.45
N PRO B 267 -14.73 -13.14 23.48
CA PRO B 267 -15.12 -13.86 22.25
C PRO B 267 -15.51 -12.86 21.17
N ASP B 268 -15.22 -13.21 19.92
CA ASP B 268 -15.61 -12.40 18.77
C ASP B 268 -16.82 -13.04 18.13
N ALA B 269 -18.00 -12.50 18.45
CA ALA B 269 -19.29 -12.94 17.91
C ALA B 269 -19.33 -13.05 16.38
N GLY B 270 -18.48 -12.29 15.69
CA GLY B 270 -18.45 -12.31 14.25
C GLY B 270 -17.64 -13.48 13.68
N LEU B 271 -16.91 -14.17 14.55
CA LEU B 271 -16.01 -15.25 14.14
C LEU B 271 -16.25 -16.57 14.88
N PRO B 272 -17.25 -17.36 14.41
CA PRO B 272 -17.50 -18.65 15.03
C PRO B 272 -16.31 -19.59 14.81
N ASP B 273 -16.04 -20.43 15.80
CA ASP B 273 -14.92 -21.38 15.73
C ASP B 273 -15.31 -22.65 16.52
N PRO B 274 -14.88 -23.84 16.03
CA PRO B 274 -15.20 -25.12 16.68
C PRO B 274 -14.15 -25.61 17.66
N ALA B 275 -13.43 -24.68 18.29
CA ALA B 275 -12.24 -24.92 19.08
C ALA B 275 -11.16 -25.57 18.21
N CYS B 276 -10.67 -24.80 17.24
CA CYS B 276 -9.68 -25.24 16.27
C CYS B 276 -8.71 -24.09 16.00
N GLN B 277 -7.54 -24.40 15.44
CA GLN B 277 -6.60 -23.35 15.11
C GLN B 277 -7.09 -22.56 13.91
N GLY B 278 -6.68 -21.29 13.84
CA GLY B 278 -6.94 -20.44 12.70
C GLY B 278 -5.67 -19.74 12.25
N SER B 279 -5.79 -18.88 11.25
CA SER B 279 -4.64 -18.09 10.77
C SER B 279 -5.07 -16.68 10.38
N VAL B 280 -4.12 -15.76 10.42
CA VAL B 280 -4.40 -14.36 10.19
C VAL B 280 -3.21 -13.76 9.46
N LEU B 281 -3.46 -12.76 8.62
CA LEU B 281 -2.42 -12.19 7.77
C LEU B 281 -2.60 -10.70 7.52
N ARG B 282 -1.52 -9.93 7.74
CA ARG B 282 -1.44 -8.56 7.29
C ARG B 282 -1.12 -8.60 5.79
N TYR B 283 -2.11 -8.22 4.99
CA TYR B 283 -2.01 -8.34 3.54
C TYR B 283 -1.30 -7.12 2.99
N ASN B 284 -1.77 -5.95 3.41
CA ASN B 284 -1.27 -4.68 2.92
C ASN B 284 -1.63 -3.56 3.87
N SER B 285 -0.85 -2.48 3.82
CA SER B 285 -1.04 -1.33 4.69
C SER B 285 -1.48 -0.09 3.92
N ASP B 286 -1.26 -0.09 2.62
CA ASP B 286 -1.73 1.01 1.80
C ASP B 286 -3.24 0.87 1.56
N ALA B 287 -3.88 1.94 1.06
CA ALA B 287 -5.33 1.99 0.95
C ALA B 287 -5.85 1.08 -0.18
N PRO B 288 -6.89 0.27 0.12
CA PRO B 288 -7.46 0.07 1.44
C PRO B 288 -6.69 -1.00 2.20
N ALA B 289 -6.40 -0.76 3.48
CA ALA B 289 -5.61 -1.72 4.23
C ALA B 289 -6.47 -2.93 4.56
N ARG B 290 -5.86 -4.11 4.44
CA ARG B 290 -6.60 -5.37 4.65
C ARG B 290 -5.89 -6.31 5.59
N THR B 291 -6.66 -6.85 6.54
CA THR B 291 -6.28 -8.02 7.32
C THR B 291 -7.08 -9.22 6.79
N ILE B 292 -6.40 -10.35 6.65
CA ILE B 292 -7.02 -11.59 6.21
C ILE B 292 -7.14 -12.53 7.41
N PHE B 293 -8.27 -13.23 7.50
CA PHE B 293 -8.47 -14.27 8.51
C PHE B 293 -9.04 -15.54 7.87
N LEU B 294 -8.62 -16.69 8.41
CA LEU B 294 -9.02 -17.99 7.88
C LEU B 294 -9.19 -18.96 9.03
N ASN B 295 -10.40 -19.55 9.09
CA ASN B 295 -10.74 -20.61 10.05
C ASN B 295 -11.93 -21.43 9.56
N SER B 296 -12.34 -22.42 10.35
CA SER B 296 -13.62 -23.07 10.10
C SER B 296 -14.72 -22.25 10.78
N ALA B 297 -15.52 -21.56 9.97
CA ALA B 297 -16.53 -20.62 10.45
C ALA B 297 -17.77 -21.40 10.91
N SER B 298 -17.60 -22.14 11.99
CA SER B 298 -18.65 -22.98 12.55
C SER B 298 -18.42 -23.14 14.04
N GLY B 299 -19.50 -23.17 14.81
CA GLY B 299 -19.39 -23.49 16.23
C GLY B 299 -19.17 -24.97 16.51
N THR B 300 -19.25 -25.81 15.48
CA THR B 300 -19.25 -27.26 15.69
C THR B 300 -18.33 -28.06 14.78
N SER B 301 -18.22 -27.64 13.52
CA SER B 301 -17.50 -28.40 12.51
C SER B 301 -16.19 -27.75 12.10
N ARG B 302 -15.17 -28.57 11.85
CA ARG B 302 -13.92 -28.10 11.24
C ARG B 302 -14.02 -28.07 9.71
N ARG B 303 -15.17 -28.44 9.14
CA ARG B 303 -15.29 -28.50 7.67
C ARG B 303 -16.03 -27.30 7.08
N ALA B 304 -15.86 -26.12 7.70
CA ALA B 304 -16.51 -24.89 7.20
C ALA B 304 -15.51 -23.79 6.86
N MET B 305 -14.42 -24.17 6.18
CA MET B 305 -13.33 -23.23 5.93
C MET B 305 -13.80 -21.98 5.17
N ARG B 306 -13.46 -20.81 5.74
CA ARG B 306 -13.89 -19.52 5.21
C ARG B 306 -12.78 -18.49 5.36
N VAL B 307 -12.40 -17.89 4.23
CA VAL B 307 -11.39 -16.85 4.21
C VAL B 307 -12.13 -15.50 4.19
N ARG B 308 -11.63 -14.52 4.93
CA ARG B 308 -12.34 -13.24 5.12
C ARG B 308 -11.38 -12.06 5.09
N ILE B 309 -11.92 -10.88 4.80
CA ILE B 309 -11.12 -9.65 4.81
C ILE B 309 -11.69 -8.67 5.86
N SER B 310 -10.82 -8.02 6.62
CA SER B 310 -11.25 -6.84 7.40
C SER B 310 -10.55 -5.55 6.94
N TYR B 311 -11.34 -4.49 6.76
CA TYR B 311 -10.81 -3.16 6.41
C TYR B 311 -10.72 -2.23 7.63
N ASP B 312 -11.06 -2.75 8.80
CA ASP B 312 -11.04 -1.97 10.03
C ASP B 312 -9.61 -1.76 10.54
N ALA B 313 -9.32 -0.53 10.98
CA ALA B 313 -8.00 -0.15 11.48
C ALA B 313 -7.59 -1.04 12.67
N ASP B 314 -8.59 -1.56 13.37
CA ASP B 314 -8.43 -2.46 14.51
C ASP B 314 -8.94 -3.89 14.22
N ALA B 315 -9.25 -4.16 12.95
CA ALA B 315 -9.81 -5.48 12.57
C ALA B 315 -11.02 -5.90 13.44
N LYS B 316 -11.90 -4.95 13.75
CA LYS B 316 -13.11 -5.27 14.51
C LYS B 316 -14.09 -6.18 13.77
N LYS B 317 -14.26 -5.93 12.47
CA LYS B 317 -15.26 -6.65 11.69
C LYS B 317 -14.66 -7.27 10.44
N PHE B 318 -14.94 -8.55 10.22
CA PHE B 318 -14.57 -9.19 8.97
C PHE B 318 -15.82 -9.39 8.13
N ASN B 319 -15.67 -9.40 6.81
CA ASN B 319 -16.80 -9.69 5.93
C ASN B 319 -17.17 -11.18 5.92
N TYR B 320 -18.24 -11.50 5.21
CA TYR B 320 -18.63 -12.90 5.01
C TYR B 320 -17.44 -13.69 4.45
N GLY B 321 -16.78 -13.11 3.45
CA GLY B 321 -15.60 -13.70 2.83
C GLY B 321 -15.97 -14.76 1.81
N ARG B 322 -15.20 -15.83 1.76
CA ARG B 322 -15.51 -16.93 0.85
C ARG B 322 -15.25 -18.32 1.41
N LYS B 323 -16.18 -19.21 1.11
CA LYS B 323 -16.07 -20.61 1.43
C LYS B 323 -15.08 -21.27 0.51
N LEU B 324 -14.09 -21.94 1.09
CA LEU B 324 -13.09 -22.63 0.29
C LEU B 324 -13.74 -23.72 -0.56
N GLU B 325 -14.81 -24.29 -0.03
CA GLU B 325 -15.59 -25.29 -0.74
C GLU B 325 -16.13 -24.78 -2.10
N ASP B 326 -16.13 -23.45 -2.33
CA ASP B 326 -16.50 -22.86 -3.64
C ASP B 326 -15.51 -23.22 -4.75
N ALA B 327 -14.29 -23.54 -4.34
CA ALA B 327 -13.26 -24.02 -5.23
C ALA B 327 -12.70 -25.29 -4.61
N LYS B 328 -13.53 -26.33 -4.63
CA LYS B 328 -13.24 -27.61 -4.00
C LYS B 328 -12.01 -28.35 -4.57
N VAL B 329 -11.25 -29.02 -3.70
CA VAL B 329 -10.23 -29.95 -4.17
C VAL B 329 -10.84 -31.36 -4.14
N SER B 330 -10.66 -32.14 -5.20
CA SER B 330 -11.10 -33.52 -5.18
C SER B 330 -9.94 -34.52 -4.99
N GLY B 331 -10.22 -35.62 -4.30
CA GLY B 331 -9.24 -36.70 -4.10
C GLY B 331 -8.28 -36.53 -2.93
N ALA B 332 -8.49 -35.49 -2.11
CA ALA B 332 -7.60 -35.23 -0.98
C ALA B 332 -8.33 -35.24 0.38
N GLY B 333 -9.48 -35.90 0.44
CA GLY B 333 -10.24 -36.04 1.67
C GLY B 333 -11.18 -34.88 1.87
N HIS B 334 -11.72 -34.77 3.07
CA HIS B 334 -12.63 -33.69 3.42
C HIS B 334 -11.80 -32.51 3.98
N GLU B 335 -11.77 -31.40 3.25
CA GLU B 335 -10.98 -30.22 3.64
C GLU B 335 -11.53 -29.55 4.87
N GLY B 336 -10.61 -29.06 5.70
CA GLY B 336 -10.96 -28.35 6.92
C GLY B 336 -10.15 -28.71 8.15
N GLY B 337 -9.66 -27.68 8.82
CA GLY B 337 -8.97 -27.78 10.09
C GLY B 337 -7.95 -26.65 10.20
N TYR B 338 -6.74 -26.98 10.66
CA TYR B 338 -5.68 -25.99 10.83
C TYR B 338 -5.33 -25.39 9.48
N SER B 339 -4.87 -24.14 9.52
CA SER B 339 -4.52 -23.38 8.32
C SER B 339 -3.37 -22.38 8.55
N SER B 340 -2.77 -21.92 7.46
CA SER B 340 -1.71 -20.93 7.54
C SER B 340 -1.73 -20.14 6.24
N MET B 341 -1.56 -18.83 6.35
CA MET B 341 -1.55 -17.98 5.16
C MET B 341 -0.25 -17.19 5.04
N THR B 342 0.15 -16.98 3.79
CA THR B 342 1.17 -15.98 3.48
C THR B 342 0.71 -15.19 2.25
N LYS B 343 1.45 -14.14 1.90
CA LYS B 343 1.19 -13.40 0.69
C LYS B 343 2.28 -13.81 -0.27
N THR B 344 1.91 -14.18 -1.49
CA THR B 344 2.89 -14.65 -2.49
C THR B 344 3.50 -13.48 -3.23
N GLY B 345 4.62 -13.74 -3.92
CA GLY B 345 5.30 -12.73 -4.72
C GLY B 345 4.49 -12.16 -5.86
N ASP B 346 3.52 -12.94 -6.36
CA ASP B 346 2.59 -12.49 -7.39
C ASP B 346 1.22 -12.03 -6.82
N TYR B 347 1.24 -11.54 -5.59
CA TYR B 347 0.12 -10.84 -5.00
C TYR B 347 -1.14 -11.69 -4.92
N LYS B 348 -0.98 -12.89 -4.38
CA LYS B 348 -2.11 -13.73 -4.08
C LYS B 348 -2.03 -14.07 -2.61
N ILE B 349 -3.13 -14.56 -2.07
CA ILE B 349 -3.07 -15.21 -0.77
C ILE B 349 -2.74 -16.66 -1.02
N GLY B 350 -1.70 -17.16 -0.36
CA GLY B 350 -1.36 -18.58 -0.37
C GLY B 350 -1.72 -19.24 0.96
N ALA B 351 -2.53 -20.30 0.90
CA ALA B 351 -3.04 -20.92 2.12
C ALA B 351 -2.72 -22.39 2.13
N LEU B 352 -2.20 -22.87 3.25
CA LEU B 352 -2.14 -24.31 3.51
C LEU B 352 -3.37 -24.66 4.38
N VAL B 353 -4.08 -25.73 4.03
CA VAL B 353 -5.28 -26.13 4.78
C VAL B 353 -5.28 -27.65 5.01
N GLU B 354 -5.47 -28.07 6.26
CA GLU B 354 -5.64 -29.50 6.55
C GLU B 354 -6.87 -30.11 5.86
N SER B 355 -6.74 -31.39 5.51
CA SER B 355 -7.85 -32.21 5.00
C SER B 355 -7.77 -33.58 5.67
N ASP B 356 -8.94 -34.21 5.84
CA ASP B 356 -9.08 -35.46 6.61
C ASP B 356 -9.86 -36.46 5.75
N PHE B 357 -9.24 -37.59 5.40
CA PHE B 357 -9.95 -38.63 4.65
C PHE B 357 -11.04 -39.33 5.47
N PHE B 358 -10.84 -39.40 6.79
CA PHE B 358 -11.89 -39.80 7.75
C PHE B 358 -12.30 -41.26 7.55
N ASN B 359 -11.36 -42.04 7.02
CA ASN B 359 -11.56 -43.48 6.80
C ASN B 359 -11.67 -44.29 8.08
N ASP B 360 -11.37 -43.66 9.22
CA ASP B 360 -11.45 -44.33 10.51
C ASP B 360 -12.25 -43.42 11.44
N GLY B 361 -13.07 -42.57 10.85
CA GLY B 361 -13.80 -41.57 11.63
C GLY B 361 -12.85 -40.73 12.45
N THR B 362 -13.19 -40.51 13.71
CA THR B 362 -12.35 -39.73 14.62
C THR B 362 -11.11 -40.52 15.10
N GLY B 363 -11.04 -41.81 14.75
CA GLY B 363 -9.94 -42.68 15.20
C GLY B 363 -8.58 -42.37 14.58
N LYS B 364 -7.55 -43.02 15.10
CA LYS B 364 -6.14 -42.78 14.75
C LYS B 364 -5.70 -43.10 13.31
N ASN B 365 -6.48 -43.89 12.58
CA ASN B 365 -6.05 -44.33 11.24
C ASN B 365 -6.57 -43.44 10.13
N SER B 366 -7.31 -42.39 10.48
CA SER B 366 -7.86 -41.49 9.49
C SER B 366 -6.74 -40.65 8.91
N TYR B 367 -6.49 -40.85 7.62
CA TYR B 367 -5.34 -40.22 6.97
C TYR B 367 -5.56 -38.73 6.79
N ARG B 368 -4.51 -37.95 7.06
CA ARG B 368 -4.59 -36.48 6.98
C ARG B 368 -3.61 -35.94 5.96
N ALA B 369 -4.12 -35.08 5.09
CA ALA B 369 -3.33 -34.47 4.02
C ALA B 369 -3.40 -32.96 4.16
N ILE B 370 -2.61 -32.23 3.39
CA ILE B 370 -2.60 -30.76 3.44
C ILE B 370 -2.65 -30.19 2.04
N ILE B 371 -3.65 -29.34 1.82
CA ILE B 371 -3.93 -28.67 0.56
C ILE B 371 -3.21 -27.33 0.51
N TRP B 372 -2.66 -26.98 -0.66
CA TRP B 372 -2.17 -25.62 -0.93
C TRP B 372 -3.16 -24.90 -1.84
N ARG B 373 -3.49 -23.65 -1.47
CA ARG B 373 -4.36 -22.82 -2.28
C ARG B 373 -3.72 -21.50 -2.56
N ARG B 374 -3.95 -21.00 -3.77
CA ARG B 374 -3.65 -19.63 -4.11
C ARG B 374 -4.94 -19.04 -4.65
N PHE B 375 -5.24 -17.83 -4.20
CA PHE B 375 -6.37 -17.07 -4.73
C PHE B 375 -6.08 -15.58 -4.64
N ASN B 376 -6.62 -14.81 -5.58
CA ASN B 376 -6.50 -13.35 -5.46
C ASN B 376 -7.61 -12.78 -4.60
N LEU B 377 -7.53 -11.48 -4.35
CA LEU B 377 -8.54 -10.83 -3.53
C LEU B 377 -9.89 -10.85 -4.25
N SER B 378 -9.83 -10.75 -5.59
CA SER B 378 -11.02 -10.74 -6.45
C SER B 378 -11.84 -12.00 -6.28
N TRP B 379 -11.17 -13.14 -6.16
CA TRP B 379 -11.87 -14.39 -5.88
C TRP B 379 -12.69 -14.32 -4.59
N ILE B 380 -12.10 -13.73 -3.54
CA ILE B 380 -12.81 -13.59 -2.27
C ILE B 380 -13.98 -12.63 -2.42
N LEU B 381 -13.70 -11.49 -3.04
CA LEU B 381 -14.64 -10.41 -3.09
C LEU B 381 -15.83 -10.70 -4.02
N ASN B 382 -15.59 -11.49 -5.07
CA ASN B 382 -16.64 -11.85 -6.03
C ASN B 382 -17.45 -13.09 -5.62
N GLY B 383 -17.14 -13.65 -4.47
CA GLY B 383 -17.97 -14.69 -3.86
C GLY B 383 -19.28 -14.06 -3.39
N PRO B 384 -20.28 -14.90 -3.07
CA PRO B 384 -21.58 -14.41 -2.56
C PRO B 384 -21.54 -13.74 -1.17
N ASN B 385 -22.45 -12.79 -0.93
CA ASN B 385 -22.62 -12.11 0.39
C ASN B 385 -21.61 -11.00 0.74
N ASN B 386 -20.76 -10.65 -0.22
CA ASN B 386 -19.81 -9.55 -0.06
C ASN B 386 -20.20 -8.32 -0.87
#